data_3B08
#
_entry.id   3B08
#
_cell.length_a   104.938
_cell.length_b   104.938
_cell.length_c   170.410
_cell.angle_alpha   90.00
_cell.angle_beta   90.00
_cell.angle_gamma   90.00
#
_symmetry.space_group_name_H-M   'P 43 21 2'
#
loop_
_entity.id
_entity.type
_entity.pdbx_description
1 polymer Polyubiquitin-C
2 polymer 'RanBP-type and C3HC4-type zinc finger-containing protein 1'
3 branched alpha-D-glucopyranose-(1-1)-alpha-D-glucopyranose
4 non-polymer 'ZINC ION'
5 water water
#
loop_
_entity_poly.entity_id
_entity_poly.type
_entity_poly.pdbx_seq_one_letter_code
_entity_poly.pdbx_strand_id
1 'polypeptide(L)'
;MQIFVKTLTGKTITLEVEPSDTIENVKAKIQDKEGIPPDQQRLIFAGKQLEDGRTLSDYNIQKESTLHLVLRLRGGMQIF
VKTLTGKTITLEVEPSDTIENVKAKIQDKEGIPPDQQRLIFAGKQLEDGRTLSDYNIQKESTLHLVLRLRGG
;
A,D,G,J
2 'polypeptide(L)' GPGHMPVGWQCPGCTFINKPTRPGCEMCCRARPETYQIPASYQPDEEERARLAGEEEALRQYQQ B,E,H,K
#
loop_
_chem_comp.id
_chem_comp.type
_chem_comp.name
_chem_comp.formula
GLC D-saccharide, alpha linking alpha-D-glucopyranose 'C6 H12 O6'
ZN non-polymer 'ZINC ION' 'Zn 2'
#
# COMPACT_ATOMS: atom_id res chain seq x y z
N MET A 1 -9.47 28.82 -27.76
CA MET A 1 -10.69 28.95 -26.97
C MET A 1 -10.65 28.04 -25.76
N GLN A 2 -11.45 28.36 -24.75
CA GLN A 2 -11.51 27.55 -23.54
C GLN A 2 -12.73 26.65 -23.52
N ILE A 3 -12.53 25.41 -23.13
CA ILE A 3 -13.64 24.54 -22.82
C ILE A 3 -13.42 23.96 -21.42
N PHE A 4 -14.48 23.40 -20.86
CA PHE A 4 -14.44 22.94 -19.48
C PHE A 4 -14.79 21.46 -19.46
N VAL A 5 -14.14 20.70 -18.59
CA VAL A 5 -14.46 19.28 -18.49
C VAL A 5 -14.85 18.97 -17.04
N LYS A 6 -16.10 18.54 -16.85
CA LYS A 6 -16.62 18.22 -15.53
C LYS A 6 -16.34 16.75 -15.25
N THR A 7 -15.87 16.45 -14.04
CA THR A 7 -15.70 15.06 -13.66
C THR A 7 -16.76 14.69 -12.64
N LEU A 8 -16.91 13.40 -12.38
CA LEU A 8 -17.93 12.92 -11.45
C LEU A 8 -17.56 13.17 -10.00
N THR A 9 -16.29 13.48 -9.76
CA THR A 9 -15.82 13.79 -8.42
C THR A 9 -16.05 15.26 -8.07
N GLY A 10 -16.52 16.02 -9.05
CA GLY A 10 -16.93 17.40 -8.81
C GLY A 10 -15.97 18.46 -9.31
N LYS A 11 -14.75 18.05 -9.68
CA LYS A 11 -13.78 19.01 -10.17
C LYS A 11 -14.05 19.39 -11.62
N THR A 12 -13.52 20.54 -12.04
CA THR A 12 -13.63 20.98 -13.40
C THR A 12 -12.22 21.23 -13.93
N ILE A 13 -11.96 20.73 -15.12
CA ILE A 13 -10.67 20.93 -15.78
C ILE A 13 -10.88 21.94 -16.90
N THR A 14 -10.07 22.99 -16.91
CA THR A 14 -10.13 24.00 -17.97
C THR A 14 -9.02 23.74 -18.99
N LEU A 15 -9.41 23.67 -20.27
CA LEU A 15 -8.47 23.37 -21.33
C LEU A 15 -8.43 24.47 -22.35
N GLU A 16 -7.26 24.68 -22.93
CA GLU A 16 -7.10 25.59 -24.07
C GLU A 16 -7.07 24.76 -25.35
N VAL A 17 -8.05 24.98 -26.23
CA VAL A 17 -8.18 24.15 -27.42
C VAL A 17 -8.48 24.98 -28.66
N GLU A 18 -8.42 24.33 -29.82
CA GLU A 18 -8.89 24.90 -31.09
C GLU A 18 -10.07 24.07 -31.58
N PRO A 19 -10.99 24.68 -32.34
CA PRO A 19 -12.12 23.90 -32.85
C PRO A 19 -11.70 22.69 -33.67
N SER A 20 -10.52 22.77 -34.27
CA SER A 20 -9.99 21.69 -35.10
C SER A 20 -9.32 20.57 -34.29
N ASP A 21 -9.21 20.73 -32.98
CA ASP A 21 -8.57 19.67 -32.20
C ASP A 21 -9.42 18.40 -32.20
N THR A 22 -8.75 17.26 -32.32
CA THR A 22 -9.44 15.97 -32.23
C THR A 22 -9.75 15.61 -30.79
N ILE A 23 -10.70 14.71 -30.61
CA ILE A 23 -11.01 14.20 -29.28
C ILE A 23 -9.76 13.56 -28.68
N GLU A 24 -8.99 12.87 -29.51
CA GLU A 24 -7.71 12.32 -29.08
C GLU A 24 -6.81 13.41 -28.50
N ASN A 25 -6.68 14.53 -29.21
CA ASN A 25 -5.92 15.67 -28.71
C ASN A 25 -6.41 16.15 -27.36
N VAL A 26 -7.74 16.24 -27.20
CA VAL A 26 -8.34 16.71 -25.96
C VAL A 26 -7.98 15.76 -24.80
N LYS A 27 -8.07 14.45 -25.05
CA LYS A 27 -7.71 13.48 -24.02
C LYS A 27 -6.25 13.58 -23.61
N ALA A 28 -5.38 13.88 -24.56
CA ALA A 28 -3.97 14.07 -24.25
C ALA A 28 -3.75 15.32 -23.37
N LYS A 29 -4.55 16.36 -23.61
CA LYS A 29 -4.49 17.55 -22.78
C LYS A 29 -4.97 17.28 -21.36
N ILE A 30 -5.99 16.44 -21.25
CA ILE A 30 -6.47 16.02 -19.92
C ILE A 30 -5.39 15.21 -19.21
N GLN A 31 -4.69 14.35 -19.96
CA GLN A 31 -3.62 13.56 -19.37
C GLN A 31 -2.49 14.49 -18.89
N ASP A 32 -2.20 15.51 -19.66
CA ASP A 32 -1.18 16.49 -19.27
C ASP A 32 -1.52 17.11 -17.90
N LYS A 33 -2.79 17.44 -17.69
CA LYS A 33 -3.22 18.11 -16.46
C LYS A 33 -3.43 17.17 -15.29
N GLU A 34 -3.91 15.96 -15.57
CA GLU A 34 -4.40 15.07 -14.51
C GLU A 34 -3.67 13.74 -14.42
N GLY A 35 -2.90 13.40 -15.46
CA GLY A 35 -2.15 12.15 -15.45
C GLY A 35 -2.95 10.90 -15.81
N ILE A 36 -4.18 11.09 -16.26
CA ILE A 36 -5.06 9.98 -16.61
C ILE A 36 -4.81 9.54 -18.06
N PRO A 37 -4.44 8.27 -18.26
CA PRO A 37 -4.21 7.80 -19.65
C PRO A 37 -5.45 8.00 -20.50
N PRO A 38 -5.28 8.44 -21.76
CA PRO A 38 -6.41 8.62 -22.68
C PRO A 38 -7.29 7.37 -22.77
N ASP A 39 -6.70 6.18 -22.68
CA ASP A 39 -7.55 4.98 -22.81
C ASP A 39 -8.52 4.71 -21.64
N GLN A 40 -8.40 5.47 -20.56
CA GLN A 40 -9.32 5.38 -19.44
C GLN A 40 -10.44 6.42 -19.54
N GLN A 41 -10.31 7.34 -20.50
CA GLN A 41 -11.22 8.48 -20.57
C GLN A 41 -12.39 8.28 -21.54
N ARG A 42 -13.59 8.59 -21.07
CA ARG A 42 -14.77 8.70 -21.93
C ARG A 42 -15.25 10.15 -21.80
N LEU A 43 -15.38 10.84 -22.94
CA LEU A 43 -15.89 12.20 -22.96
C LEU A 43 -17.29 12.22 -23.53
N ILE A 44 -18.15 13.02 -22.90
CA ILE A 44 -19.56 13.11 -23.27
C ILE A 44 -19.92 14.56 -23.57
N PHE A 45 -20.61 14.76 -24.68
CA PHE A 45 -21.18 16.07 -25.02
C PHE A 45 -22.42 15.83 -25.86
N ALA A 46 -23.43 16.67 -25.67
CA ALA A 46 -24.71 16.53 -26.37
C ALA A 46 -25.29 15.13 -26.18
N GLY A 47 -25.00 14.53 -25.03
CA GLY A 47 -25.56 13.23 -24.67
C GLY A 47 -24.89 12.07 -25.36
N LYS A 48 -23.79 12.34 -26.06
CA LYS A 48 -23.11 11.31 -26.85
C LYS A 48 -21.68 11.09 -26.39
N GLN A 49 -21.19 9.87 -26.59
CA GLN A 49 -19.82 9.55 -26.28
C GLN A 49 -18.98 9.96 -27.48
N LEU A 50 -17.99 10.81 -27.24
CA LEU A 50 -17.23 11.41 -28.32
C LEU A 50 -16.18 10.45 -28.87
N GLU A 51 -16.07 10.41 -30.20
CA GLU A 51 -15.14 9.50 -30.90
C GLU A 51 -13.76 10.14 -31.07
N ASP A 52 -12.70 9.37 -30.83
CA ASP A 52 -11.34 9.92 -30.78
C ASP A 52 -10.90 10.64 -32.04
N GLY A 53 -11.37 10.17 -33.19
CA GLY A 53 -10.91 10.70 -34.47
C GLY A 53 -11.63 11.94 -34.99
N ARG A 54 -12.69 12.34 -34.29
CA ARG A 54 -13.48 13.48 -34.72
C ARG A 54 -12.95 14.72 -34.03
N THR A 55 -13.33 15.89 -34.51
CA THR A 55 -12.90 17.14 -33.91
C THR A 55 -14.00 17.77 -33.06
N LEU A 56 -13.63 18.76 -32.26
CA LEU A 56 -14.61 19.50 -31.46
C LEU A 56 -15.68 20.12 -32.37
N SER A 57 -15.24 20.69 -33.49
CA SER A 57 -16.17 21.30 -34.45
C SER A 57 -17.16 20.28 -35.04
N ASP A 58 -16.71 19.04 -35.20
CA ASP A 58 -17.59 17.98 -35.69
C ASP A 58 -18.81 17.80 -34.80
N TYR A 59 -18.62 18.07 -33.51
CA TYR A 59 -19.67 17.91 -32.50
C TYR A 59 -20.31 19.23 -32.11
N ASN A 60 -19.99 20.28 -32.85
CA ASN A 60 -20.47 21.64 -32.58
C ASN A 60 -20.13 22.11 -31.17
N ILE A 61 -18.97 21.69 -30.68
CA ILE A 61 -18.46 22.17 -29.41
C ILE A 61 -17.83 23.55 -29.59
N GLN A 62 -18.38 24.53 -28.87
CA GLN A 62 -17.95 25.92 -29.05
C GLN A 62 -17.25 26.47 -27.81
N LYS A 63 -16.78 27.72 -27.89
CA LYS A 63 -16.09 28.28 -26.74
C LYS A 63 -16.96 28.19 -25.49
N GLU A 64 -16.33 27.87 -24.36
CA GLU A 64 -17.04 27.81 -23.08
C GLU A 64 -18.00 26.62 -22.94
N SER A 65 -17.95 25.69 -23.88
CA SER A 65 -18.73 24.46 -23.72
C SER A 65 -18.20 23.61 -22.56
N THR A 66 -19.09 22.81 -21.97
CA THR A 66 -18.73 21.85 -20.94
C THR A 66 -18.87 20.42 -21.45
N LEU A 67 -17.80 19.64 -21.35
CA LEU A 67 -17.84 18.21 -21.64
C LEU A 67 -17.85 17.48 -20.30
N HIS A 68 -18.30 16.23 -20.32
CA HIS A 68 -18.32 15.41 -19.11
C HIS A 68 -17.35 14.25 -19.27
N LEU A 69 -16.51 14.05 -18.26
CA LEU A 69 -15.53 12.98 -18.29
C LEU A 69 -15.90 11.89 -17.31
N VAL A 70 -15.92 10.66 -17.81
CA VAL A 70 -16.15 9.49 -16.98
C VAL A 70 -14.95 8.56 -17.18
N LEU A 71 -14.41 8.03 -16.10
CA LEU A 71 -13.27 7.15 -16.18
C LEU A 71 -13.73 5.70 -16.14
N ARG A 72 -13.11 4.88 -16.99
CA ARG A 72 -13.48 3.48 -17.10
C ARG A 72 -12.22 2.62 -17.24
N LEU A 73 -12.27 1.41 -16.72
CA LEU A 73 -11.15 0.49 -16.87
C LEU A 73 -10.92 0.13 -18.33
N ARG A 74 -9.67 0.22 -18.77
CA ARG A 74 -9.31 -0.29 -20.08
C ARG A 74 -9.52 -1.80 -20.04
N GLY A 75 -10.27 -2.33 -20.99
CA GLY A 75 -10.50 -3.77 -21.03
C GLY A 75 -11.61 -4.20 -20.10
N GLY A 76 -12.27 -3.25 -19.45
CA GLY A 76 -13.41 -3.58 -18.61
C GLY A 76 -14.71 -3.78 -19.39
N MET A 77 -15.74 -4.22 -18.68
CA MET A 77 -17.05 -4.37 -19.30
C MET A 77 -18.10 -4.19 -18.23
N GLN A 78 -19.33 -3.93 -18.63
CA GLN A 78 -20.43 -3.89 -17.68
C GLN A 78 -21.16 -5.22 -17.65
N ILE A 79 -21.59 -5.61 -16.45
CA ILE A 79 -22.53 -6.71 -16.29
C ILE A 79 -23.70 -6.21 -15.42
N PHE A 80 -24.84 -6.88 -15.51
CA PHE A 80 -26.01 -6.51 -14.74
C PHE A 80 -26.25 -7.59 -13.70
N VAL A 81 -26.62 -7.18 -12.50
CA VAL A 81 -26.89 -8.15 -11.45
C VAL A 81 -28.33 -7.97 -10.98
N LYS A 82 -29.16 -8.95 -11.31
CA LYS A 82 -30.58 -8.88 -11.00
C LYS A 82 -30.81 -9.48 -9.62
N THR A 83 -31.38 -8.69 -8.71
CA THR A 83 -31.71 -9.22 -7.38
C THR A 83 -33.12 -9.81 -7.40
N LEU A 84 -33.47 -10.49 -6.33
CA LEU A 84 -34.84 -10.97 -6.19
C LEU A 84 -35.67 -10.06 -5.31
N THR A 85 -35.12 -8.90 -4.95
CA THR A 85 -35.75 -7.99 -4.01
C THR A 85 -36.06 -6.62 -4.62
N GLY A 86 -35.92 -6.49 -5.94
CA GLY A 86 -36.42 -5.31 -6.62
C GLY A 86 -35.52 -4.66 -7.65
N LYS A 87 -34.23 -4.59 -7.35
CA LYS A 87 -33.27 -3.81 -8.13
C LYS A 87 -32.45 -4.67 -9.07
N THR A 88 -32.07 -4.10 -10.22
CA THR A 88 -31.02 -4.65 -11.06
C THR A 88 -29.88 -3.66 -10.99
N ILE A 89 -28.71 -4.11 -10.57
CA ILE A 89 -27.58 -3.20 -10.45
C ILE A 89 -26.62 -3.38 -11.62
N THR A 90 -25.85 -2.34 -11.90
CA THR A 90 -24.91 -2.32 -13.01
C THR A 90 -23.50 -2.19 -12.45
N LEU A 91 -22.60 -3.09 -12.87
CA LEU A 91 -21.26 -3.15 -12.34
C LEU A 91 -20.25 -3.06 -13.46
N GLU A 92 -19.12 -2.43 -13.20
CA GLU A 92 -17.97 -2.54 -14.09
C GLU A 92 -17.04 -3.64 -13.58
N VAL A 93 -16.72 -4.59 -14.44
CA VAL A 93 -15.84 -5.70 -14.05
C VAL A 93 -14.83 -5.95 -15.14
N GLU A 94 -13.91 -6.88 -14.89
CA GLU A 94 -13.00 -7.34 -15.94
C GLU A 94 -13.16 -8.84 -16.08
N PRO A 95 -12.94 -9.37 -17.30
CA PRO A 95 -13.02 -10.82 -17.53
C PRO A 95 -12.13 -11.62 -16.58
N SER A 96 -10.99 -11.08 -16.20
CA SER A 96 -10.08 -11.79 -15.31
C SER A 96 -10.49 -11.72 -13.84
N ASP A 97 -11.51 -10.93 -13.51
CA ASP A 97 -11.98 -10.86 -12.11
C ASP A 97 -12.50 -12.22 -11.64
N THR A 98 -12.12 -12.62 -10.44
CA THR A 98 -12.68 -13.83 -9.83
C THR A 98 -14.07 -13.52 -9.29
N ILE A 99 -14.86 -14.57 -9.08
CA ILE A 99 -16.19 -14.41 -8.51
C ILE A 99 -16.09 -13.71 -7.15
N GLU A 100 -15.06 -14.06 -6.37
CA GLU A 100 -14.73 -13.36 -5.13
C GLU A 100 -14.62 -11.84 -5.34
N ASN A 101 -13.89 -11.44 -6.38
CA ASN A 101 -13.76 -10.01 -6.69
C ASN A 101 -15.10 -9.36 -7.00
N VAL A 102 -15.93 -10.04 -7.78
CA VAL A 102 -17.25 -9.53 -8.14
C VAL A 102 -18.13 -9.36 -6.90
N LYS A 103 -18.10 -10.34 -6.01
CA LYS A 103 -18.84 -10.23 -4.75
C LYS A 103 -18.38 -9.02 -3.93
N ALA A 104 -17.06 -8.77 -3.93
CA ALA A 104 -16.53 -7.59 -3.28
C ALA A 104 -17.14 -6.31 -3.86
N LYS A 105 -17.29 -6.28 -5.18
CA LYS A 105 -17.90 -5.13 -5.85
C LYS A 105 -19.38 -4.98 -5.50
N ILE A 106 -20.09 -6.10 -5.39
CA ILE A 106 -21.50 -6.05 -5.00
C ILE A 106 -21.63 -5.56 -3.57
N GLN A 107 -20.69 -5.95 -2.72
CA GLN A 107 -20.70 -5.50 -1.33
C GLN A 107 -20.58 -3.98 -1.28
N ASP A 108 -19.74 -3.43 -2.15
CA ASP A 108 -19.55 -1.97 -2.21
C ASP A 108 -20.82 -1.23 -2.54
N LYS A 109 -21.57 -1.75 -3.50
CA LYS A 109 -22.79 -1.11 -3.97
C LYS A 109 -23.98 -1.40 -3.06
N GLU A 110 -24.10 -2.65 -2.62
CA GLU A 110 -25.29 -3.14 -1.94
C GLU A 110 -25.10 -3.42 -0.45
N GLY A 111 -23.85 -3.47 0.00
CA GLY A 111 -23.57 -3.68 1.41
C GLY A 111 -23.78 -5.09 1.96
N ILE A 112 -23.82 -6.09 1.09
CA ILE A 112 -23.97 -7.47 1.50
C ILE A 112 -22.60 -8.16 1.49
N PRO A 113 -22.21 -8.77 2.62
CA PRO A 113 -20.92 -9.48 2.68
C PRO A 113 -20.91 -10.64 1.69
N PRO A 114 -19.75 -10.93 1.08
CA PRO A 114 -19.66 -12.00 0.08
C PRO A 114 -20.22 -13.32 0.56
N ASP A 115 -20.03 -13.61 1.85
CA ASP A 115 -20.50 -14.88 2.42
C ASP A 115 -22.02 -15.06 2.33
N GLN A 116 -22.75 -13.95 2.21
CA GLN A 116 -24.21 -14.00 2.11
C GLN A 116 -24.71 -13.83 0.69
N GLN A 117 -23.79 -13.81 -0.27
CA GLN A 117 -24.20 -13.69 -1.66
C GLN A 117 -24.16 -15.04 -2.38
N ARG A 118 -25.24 -15.38 -3.06
CA ARG A 118 -25.25 -16.53 -3.94
C ARG A 118 -25.44 -15.98 -5.36
N LEU A 119 -24.42 -16.12 -6.22
CA LEU A 119 -24.51 -15.62 -7.60
C LEU A 119 -24.79 -16.76 -8.56
N ILE A 120 -25.73 -16.50 -9.47
CA ILE A 120 -26.20 -17.54 -10.40
C ILE A 120 -26.12 -17.01 -11.82
N PHE A 121 -25.62 -17.84 -12.72
CA PHE A 121 -25.56 -17.45 -14.13
C PHE A 121 -25.94 -18.62 -15.00
N ALA A 122 -26.89 -18.41 -15.91
CA ALA A 122 -27.33 -19.48 -16.80
C ALA A 122 -27.63 -20.76 -16.02
N GLY A 123 -28.30 -20.63 -14.88
CA GLY A 123 -28.73 -21.76 -14.09
C GLY A 123 -27.68 -22.39 -13.19
N LYS A 124 -26.46 -21.86 -13.21
CA LYS A 124 -25.37 -22.46 -12.42
C LYS A 124 -24.93 -21.50 -11.31
N GLN A 125 -24.71 -22.03 -10.11
CA GLN A 125 -24.16 -21.22 -9.04
C GLN A 125 -22.65 -21.06 -9.22
N LEU A 126 -22.18 -19.82 -9.13
CA LEU A 126 -20.79 -19.51 -9.41
C LEU A 126 -19.91 -19.74 -8.18
N GLU A 127 -18.73 -20.32 -8.40
CA GLU A 127 -17.74 -20.59 -7.36
C GLU A 127 -16.70 -19.47 -7.25
N ASP A 128 -16.32 -19.15 -6.02
CA ASP A 128 -15.53 -17.96 -5.72
C ASP A 128 -14.18 -17.88 -6.43
N GLY A 129 -13.53 -19.02 -6.60
CA GLY A 129 -12.18 -19.07 -7.14
C GLY A 129 -12.08 -18.99 -8.65
N ARG A 130 -13.22 -19.13 -9.33
CA ARG A 130 -13.23 -19.10 -10.79
C ARG A 130 -13.35 -17.66 -11.29
N THR A 131 -13.00 -17.41 -12.55
CA THR A 131 -13.13 -16.09 -13.13
C THR A 131 -14.38 -15.94 -14.00
N LEU A 132 -14.71 -14.69 -14.33
CA LEU A 132 -15.81 -14.43 -15.26
C LEU A 132 -15.52 -15.12 -16.59
N SER A 133 -14.26 -15.08 -17.04
CA SER A 133 -13.87 -15.77 -18.27
C SER A 133 -14.12 -17.27 -18.20
N ASP A 134 -13.87 -17.88 -17.05
CA ASP A 134 -14.10 -19.32 -16.90
C ASP A 134 -15.57 -19.67 -17.16
N TYR A 135 -16.47 -18.76 -16.81
CA TYR A 135 -17.89 -19.01 -17.00
C TYR A 135 -18.40 -18.40 -18.30
N ASN A 136 -17.48 -17.86 -19.09
CA ASN A 136 -17.82 -17.18 -20.34
C ASN A 136 -18.89 -16.10 -20.15
N ILE A 137 -18.77 -15.38 -19.05
CA ILE A 137 -19.64 -14.24 -18.80
C ILE A 137 -19.12 -13.07 -19.60
N GLN A 138 -19.96 -12.53 -20.47
CA GLN A 138 -19.53 -11.50 -21.40
C GLN A 138 -20.19 -10.15 -21.14
N LYS A 139 -19.87 -9.18 -21.97
CA LYS A 139 -20.40 -7.84 -21.75
C LYS A 139 -21.93 -7.87 -21.79
N GLU A 140 -22.51 -7.15 -20.83
CA GLU A 140 -23.95 -6.99 -20.70
C GLU A 140 -24.67 -8.28 -20.35
N SER A 141 -23.92 -9.27 -19.87
CA SER A 141 -24.51 -10.46 -19.27
C SER A 141 -25.31 -10.06 -18.05
N THR A 142 -26.36 -10.82 -17.73
CA THR A 142 -27.08 -10.63 -16.47
C THR A 142 -26.83 -11.82 -15.54
N LEU A 143 -26.37 -11.52 -14.32
CA LEU A 143 -26.24 -12.52 -13.27
C LEU A 143 -27.41 -12.34 -12.30
N HIS A 144 -27.68 -13.38 -11.52
CA HIS A 144 -28.73 -13.26 -10.50
C HIS A 144 -28.13 -13.36 -9.10
N LEU A 145 -28.55 -12.45 -8.23
CA LEU A 145 -28.10 -12.48 -6.84
C LEU A 145 -29.21 -12.93 -5.89
N VAL A 146 -28.95 -13.99 -5.14
CA VAL A 146 -29.81 -14.44 -4.06
C VAL A 146 -29.10 -14.10 -2.74
N LEU A 147 -29.82 -13.51 -1.80
CA LEU A 147 -29.23 -13.19 -0.50
C LEU A 147 -29.46 -14.33 0.47
N ARG A 148 -28.41 -14.70 1.20
CA ARG A 148 -28.56 -15.61 2.33
C ARG A 148 -28.83 -14.80 3.59
N LEU A 149 -30.07 -14.83 4.06
CA LEU A 149 -30.43 -14.11 5.28
C LEU A 149 -30.57 -15.08 6.45
N ARG A 150 -30.03 -14.70 7.61
CA ARG A 150 -30.03 -15.59 8.76
C ARG A 150 -31.41 -15.62 9.43
N GLY A 151 -31.59 -16.53 10.37
CA GLY A 151 -32.85 -16.65 11.10
C GLY A 151 -33.63 -17.90 10.70
N MET B 5 -29.78 13.85 -32.23
CA MET B 5 -30.27 13.65 -30.87
C MET B 5 -30.71 12.19 -30.64
N PRO B 6 -29.93 11.46 -29.86
CA PRO B 6 -30.29 10.09 -29.48
C PRO B 6 -31.61 10.10 -28.72
N VAL B 7 -32.40 9.05 -28.87
CA VAL B 7 -33.63 8.89 -28.10
C VAL B 7 -33.37 7.93 -26.96
N GLY B 8 -33.64 8.36 -25.74
CA GLY B 8 -33.41 7.53 -24.58
C GLY B 8 -33.41 8.35 -23.31
N TRP B 9 -32.90 7.75 -22.23
CA TRP B 9 -32.85 8.45 -20.95
C TRP B 9 -31.51 9.11 -20.68
N GLN B 10 -31.58 10.39 -20.32
CA GLN B 10 -30.38 11.13 -19.95
C GLN B 10 -29.99 10.72 -18.53
N CYS B 11 -28.74 10.32 -18.37
CA CYS B 11 -28.20 10.05 -17.06
C CYS B 11 -27.95 11.40 -16.37
N PRO B 12 -28.62 11.65 -15.24
CA PRO B 12 -28.46 12.96 -14.60
C PRO B 12 -27.04 13.16 -14.07
N GLY B 13 -26.28 12.07 -13.93
CA GLY B 13 -24.90 12.14 -13.46
C GLY B 13 -23.87 12.58 -14.49
N CYS B 14 -23.82 11.89 -15.62
CA CYS B 14 -22.82 12.18 -16.63
C CYS B 14 -23.40 12.79 -17.91
N THR B 15 -24.73 12.82 -18.01
CA THR B 15 -25.48 13.37 -19.15
C THR B 15 -25.57 12.49 -20.40
N PHE B 16 -24.96 11.32 -20.36
CA PHE B 16 -25.07 10.40 -21.50
C PHE B 16 -26.53 9.98 -21.72
N ILE B 17 -26.97 9.93 -22.98
CA ILE B 17 -28.31 9.48 -23.32
C ILE B 17 -28.28 7.97 -23.58
N ASN B 18 -28.97 7.23 -22.72
CA ASN B 18 -28.93 5.77 -22.71
C ASN B 18 -30.06 5.12 -23.47
N LYS B 19 -29.82 3.90 -23.94
CA LYS B 19 -30.88 3.13 -24.59
C LYS B 19 -32.03 3.01 -23.62
N PRO B 20 -33.26 3.20 -24.12
CA PRO B 20 -34.44 3.19 -23.26
C PRO B 20 -34.51 2.00 -22.31
N THR B 21 -34.02 0.86 -22.78
CA THR B 21 -34.15 -0.42 -22.08
C THR B 21 -33.00 -0.78 -21.15
N ARG B 22 -31.97 0.04 -21.10
CA ARG B 22 -30.81 -0.30 -20.26
C ARG B 22 -31.06 0.04 -18.79
N PRO B 23 -30.78 -0.90 -17.88
CA PRO B 23 -31.05 -0.76 -16.43
C PRO B 23 -30.16 0.27 -15.73
N GLY B 24 -28.99 0.55 -16.29
CA GLY B 24 -28.07 1.50 -15.70
C GLY B 24 -27.26 2.17 -16.77
N CYS B 25 -26.55 3.24 -16.41
CA CYS B 25 -25.87 4.06 -17.42
C CYS B 25 -24.68 3.33 -18.05
N GLU B 26 -24.69 3.32 -19.38
CA GLU B 26 -23.64 2.70 -20.19
C GLU B 26 -22.27 3.31 -19.93
N MET B 27 -22.26 4.58 -19.50
CA MET B 27 -20.99 5.24 -19.21
C MET B 27 -20.57 5.08 -17.76
N CYS B 28 -21.44 5.45 -16.82
CA CYS B 28 -21.06 5.56 -15.41
C CYS B 28 -21.76 4.60 -14.43
N CYS B 29 -22.62 3.72 -14.93
CA CYS B 29 -23.27 2.68 -14.12
C CYS B 29 -24.42 3.16 -13.24
N ARG B 30 -24.68 4.46 -13.20
CA ARG B 30 -25.77 4.98 -12.39
C ARG B 30 -27.12 4.41 -12.81
N ALA B 31 -28.00 4.19 -11.84
CA ALA B 31 -29.31 3.60 -12.13
C ALA B 31 -30.20 4.49 -13.01
N ARG B 32 -31.00 3.82 -13.83
CA ARG B 32 -31.98 4.46 -14.68
C ARG B 32 -32.99 5.20 -13.80
N PRO B 33 -33.37 6.42 -14.20
CA PRO B 33 -34.34 7.25 -13.47
C PRO B 33 -35.70 6.56 -13.35
N GLU B 34 -36.34 6.73 -12.21
CA GLU B 34 -37.58 6.03 -11.92
C GLU B 34 -38.72 6.26 -12.91
N THR B 35 -38.95 7.52 -13.30
CA THR B 35 -40.19 7.85 -14.02
C THR B 35 -40.08 7.88 -15.55
N TYR B 36 -38.86 7.75 -16.07
CA TYR B 36 -38.66 7.67 -17.52
C TYR B 36 -39.45 6.51 -18.17
N GLN B 37 -40.10 6.78 -19.30
CA GLN B 37 -40.88 5.74 -20.02
C GLN B 37 -40.30 5.40 -21.41
N ILE B 38 -40.30 4.13 -21.76
CA ILE B 38 -39.85 3.71 -23.09
C ILE B 38 -40.69 4.32 -24.22
N PRO B 39 -40.06 4.67 -25.34
CA PRO B 39 -40.80 5.21 -26.49
C PRO B 39 -41.88 4.26 -26.99
N ALA B 40 -42.84 4.79 -27.75
CA ALA B 40 -43.99 4.01 -28.17
C ALA B 40 -43.60 3.06 -29.28
N SER B 41 -42.35 3.19 -29.70
CA SER B 41 -41.95 2.81 -31.03
C SER B 41 -40.54 2.25 -31.03
N TYR B 42 -40.04 1.95 -29.84
CA TYR B 42 -38.62 1.61 -29.69
C TYR B 42 -38.16 0.49 -30.61
N GLN B 43 -37.17 0.79 -31.42
CA GLN B 43 -36.51 -0.24 -32.22
C GLN B 43 -35.06 -0.27 -31.81
N PRO B 44 -34.69 -1.21 -30.92
CA PRO B 44 -33.32 -1.28 -30.43
C PRO B 44 -32.34 -1.68 -31.52
N ASP B 45 -31.09 -1.29 -31.40
CA ASP B 45 -30.05 -1.75 -32.31
C ASP B 45 -29.96 -3.26 -32.22
N GLU B 46 -29.31 -3.89 -33.19
CA GLU B 46 -29.31 -5.35 -33.27
C GLU B 46 -28.73 -6.00 -32.00
N GLU B 47 -27.71 -5.39 -31.42
CA GLU B 47 -27.06 -5.97 -30.24
C GLU B 47 -27.99 -5.94 -29.01
N GLU B 48 -28.65 -4.81 -28.79
CA GLU B 48 -29.56 -4.67 -27.66
C GLU B 48 -30.80 -5.53 -27.89
N ARG B 49 -31.23 -5.62 -29.14
CA ARG B 49 -32.36 -6.47 -29.48
C ARG B 49 -32.08 -7.92 -29.12
N ALA B 50 -30.89 -8.39 -29.46
CA ALA B 50 -30.48 -9.76 -29.11
C ALA B 50 -30.35 -9.92 -27.59
N ARG B 51 -29.87 -8.89 -26.91
CA ARG B 51 -29.77 -8.95 -25.45
C ARG B 51 -31.15 -9.13 -24.83
N LEU B 52 -32.13 -8.36 -25.31
CA LEU B 52 -33.47 -8.42 -24.77
C LEU B 52 -34.14 -9.77 -25.09
N ALA B 53 -33.91 -10.28 -26.28
CA ALA B 53 -34.50 -11.56 -26.67
C ALA B 53 -33.95 -12.67 -25.79
N GLY B 54 -32.66 -12.59 -25.46
CA GLY B 54 -32.03 -13.57 -24.61
C GLY B 54 -32.64 -13.59 -23.22
N GLU B 55 -32.89 -12.40 -22.67
CA GLU B 55 -33.48 -12.32 -21.34
C GLU B 55 -34.89 -12.89 -21.32
N GLU B 56 -35.67 -12.62 -22.37
CA GLU B 56 -37.00 -13.20 -22.44
C GLU B 56 -36.95 -14.72 -22.53
N GLU B 57 -36.10 -15.23 -23.42
CA GLU B 57 -35.96 -16.66 -23.60
C GLU B 57 -35.62 -17.34 -22.27
N ALA B 58 -34.80 -16.68 -21.46
CA ALA B 58 -34.39 -17.25 -20.18
C ALA B 58 -35.55 -17.37 -19.18
N LEU B 59 -36.55 -16.49 -19.31
CA LEU B 59 -37.73 -16.55 -18.44
C LEU B 59 -38.72 -17.62 -18.89
N ARG B 60 -38.59 -18.04 -20.14
CA ARG B 60 -39.55 -18.97 -20.73
C ARG B 60 -39.21 -20.45 -20.58
N GLN B 61 -40.25 -21.24 -20.38
CA GLN B 61 -40.13 -22.69 -20.39
C GLN B 61 -41.05 -23.28 -21.45
N TYR B 62 -40.46 -23.91 -22.46
CA TYR B 62 -41.25 -24.64 -23.45
C TYR B 62 -40.45 -25.77 -24.07
N MET C 1 63.03 30.03 -6.87
CA MET C 1 61.78 30.21 -6.13
C MET C 1 61.68 29.22 -4.99
N GLN C 2 60.90 29.54 -3.96
CA GLN C 2 60.73 28.64 -2.83
C GLN C 2 59.49 27.78 -2.98
N ILE C 3 59.61 26.50 -2.64
CA ILE C 3 58.44 25.67 -2.39
C ILE C 3 58.56 25.05 -1.02
N PHE C 4 57.46 24.51 -0.52
CA PHE C 4 57.41 23.97 0.82
C PHE C 4 57.01 22.50 0.77
N VAL C 5 57.64 21.69 1.61
CA VAL C 5 57.31 20.27 1.65
C VAL C 5 56.91 19.92 3.08
N LYS C 6 55.69 19.45 3.23
CA LYS C 6 55.12 19.13 4.53
C LYS C 6 55.29 17.65 4.80
N THR C 7 55.68 17.31 6.03
CA THR C 7 55.86 15.91 6.41
C THR C 7 54.74 15.54 7.37
N LEU C 8 54.60 14.25 7.64
CA LEU C 8 53.50 13.79 8.48
C LEU C 8 53.78 14.04 9.96
N THR C 9 55.02 14.38 10.28
CA THR C 9 55.39 14.71 11.65
C THR C 9 55.13 16.20 11.94
N GLY C 10 54.74 16.96 10.92
CA GLY C 10 54.34 18.34 11.11
C GLY C 10 55.40 19.35 10.71
N LYS C 11 56.57 18.87 10.32
CA LYS C 11 57.65 19.78 9.94
C LYS C 11 57.46 20.24 8.51
N THR C 12 57.98 21.42 8.21
CA THR C 12 57.96 21.93 6.85
C THR C 12 59.40 22.14 6.39
N ILE C 13 59.71 21.60 5.22
CA ILE C 13 61.02 21.75 4.62
C ILE C 13 60.88 22.81 3.55
N THR C 14 61.77 23.81 3.56
CA THR C 14 61.73 24.84 2.53
C THR C 14 62.84 24.59 1.51
N LEU C 15 62.48 24.54 0.22
CA LEU C 15 63.47 24.26 -0.82
C LEU C 15 63.55 25.41 -1.79
N GLU C 16 64.74 25.62 -2.37
CA GLU C 16 64.92 26.60 -3.44
C GLU C 16 64.99 25.82 -4.74
N VAL C 17 64.09 26.12 -5.66
CA VAL C 17 63.94 25.32 -6.88
C VAL C 17 63.69 26.19 -8.09
N GLU C 18 63.77 25.59 -9.27
CA GLU C 18 63.38 26.22 -10.54
C GLU C 18 62.19 25.45 -11.10
N PRO C 19 61.34 26.13 -11.88
CA PRO C 19 60.20 25.43 -12.49
C PRO C 19 60.63 24.23 -13.34
N SER C 20 61.84 24.29 -13.88
CA SER C 20 62.33 23.21 -14.74
C SER C 20 62.95 22.06 -13.95
N ASP C 21 63.04 22.20 -12.64
CA ASP C 21 63.63 21.11 -11.85
C ASP C 21 62.76 19.87 -11.92
N THR C 22 63.39 18.70 -12.00
CA THR C 22 62.63 17.45 -12.00
C THR C 22 62.29 17.02 -10.58
N ILE C 23 61.34 16.12 -10.46
CA ILE C 23 60.98 15.59 -9.14
C ILE C 23 62.21 14.90 -8.56
N GLU C 24 62.95 14.21 -9.41
CA GLU C 24 64.23 13.64 -9.00
C GLU C 24 65.13 14.69 -8.35
N ASN C 25 65.24 15.86 -8.98
CA ASN C 25 66.03 16.94 -8.41
C ASN C 25 65.49 17.35 -7.04
N VAL C 26 64.18 17.45 -6.93
CA VAL C 26 63.55 17.87 -5.67
C VAL C 26 63.88 16.88 -4.57
N LYS C 27 63.83 15.58 -4.90
CA LYS C 27 64.13 14.57 -3.89
C LYS C 27 65.57 14.64 -3.45
N ALA C 28 66.46 15.00 -4.37
CA ALA C 28 67.87 15.13 -4.02
C ALA C 28 68.06 16.32 -3.09
N LYS C 29 67.30 17.39 -3.31
CA LYS C 29 67.39 18.55 -2.43
C LYS C 29 66.84 18.22 -1.04
N ILE C 30 65.84 17.36 -0.98
CA ILE C 30 65.28 16.92 0.30
C ILE C 30 66.32 16.06 1.04
N GLN C 31 66.98 15.18 0.31
CA GLN C 31 68.06 14.41 0.94
C GLN C 31 69.17 15.30 1.49
N ASP C 32 69.51 16.35 0.75
CA ASP C 32 70.53 17.30 1.19
C ASP C 32 70.18 17.93 2.53
N LYS C 33 68.91 18.25 2.71
CA LYS C 33 68.43 18.89 3.94
C LYS C 33 68.20 17.93 5.09
N GLU C 34 67.70 16.73 4.78
CA GLU C 34 67.16 15.84 5.79
C GLU C 34 67.82 14.47 5.87
N GLY C 35 68.65 14.14 4.89
CA GLY C 35 69.38 12.89 4.91
C GLY C 35 68.61 11.70 4.39
N ILE C 36 67.40 11.93 3.88
CA ILE C 36 66.52 10.83 3.46
C ILE C 36 66.84 10.43 2.02
N PRO C 37 67.15 9.14 1.78
CA PRO C 37 67.43 8.72 0.40
C PRO C 37 66.22 8.96 -0.50
N PRO C 38 66.45 9.38 -1.75
CA PRO C 38 65.33 9.63 -2.67
C PRO C 38 64.41 8.43 -2.83
N ASP C 39 64.93 7.21 -2.81
CA ASP C 39 64.08 6.05 -3.02
C ASP C 39 63.12 5.73 -1.86
N GLN C 40 63.20 6.48 -0.77
CA GLN C 40 62.24 6.34 0.33
C GLN C 40 61.16 7.42 0.26
N GLN C 41 61.32 8.38 -0.66
CA GLN C 41 60.44 9.54 -0.69
C GLN C 41 59.29 9.38 -1.68
N ARG C 42 58.08 9.67 -1.21
CA ARG C 42 56.92 9.80 -2.08
C ARG C 42 56.46 11.25 -1.97
N LEU C 43 56.41 11.97 -3.08
CA LEU C 43 55.93 13.34 -3.04
C LEU C 43 54.56 13.41 -3.66
N ILE C 44 53.70 14.22 -3.05
CA ILE C 44 52.30 14.34 -3.46
C ILE C 44 51.97 15.81 -3.73
N PHE C 45 51.30 16.07 -4.85
CA PHE C 45 50.77 17.39 -5.16
C PHE C 45 49.53 17.19 -6.01
N ALA C 46 48.55 18.08 -5.83
CA ALA C 46 47.28 17.99 -6.55
C ALA C 46 46.66 16.59 -6.44
N GLY C 47 46.87 15.96 -5.30
CA GLY C 47 46.25 14.66 -5.01
C GLY C 47 46.93 13.50 -5.70
N LYS C 48 48.08 13.75 -6.32
CA LYS C 48 48.75 12.72 -7.11
C LYS C 48 50.15 12.40 -6.61
N GLN C 49 50.60 11.17 -6.83
CA GLN C 49 51.99 10.81 -6.55
C GLN C 49 52.87 11.29 -7.71
N LEU C 50 53.88 12.10 -7.41
CA LEU C 50 54.65 12.75 -8.48
C LEU C 50 55.71 11.82 -9.04
N GLU C 51 55.83 11.79 -10.37
CA GLU C 51 56.80 10.92 -11.05
C GLU C 51 58.18 11.56 -11.21
N ASP C 52 59.22 10.80 -10.88
CA ASP C 52 60.60 11.31 -10.84
C ASP C 52 61.05 12.10 -12.07
N GLY C 53 60.59 11.69 -13.25
CA GLY C 53 61.08 12.27 -14.48
C GLY C 53 60.37 13.52 -14.99
N ARG C 54 59.31 13.91 -14.32
CA ARG C 54 58.59 15.12 -14.69
C ARG C 54 59.13 16.35 -13.94
N THR C 55 58.78 17.54 -14.42
CA THR C 55 59.23 18.78 -13.81
C THR C 55 58.17 19.42 -12.91
N LEU C 56 58.57 20.39 -12.10
CA LEU C 56 57.61 21.14 -11.32
C LEU C 56 56.58 21.83 -12.22
N SER C 57 57.05 22.38 -13.34
CA SER C 57 56.15 23.04 -14.28
C SER C 57 55.15 22.07 -14.90
N ASP C 58 55.56 20.81 -15.12
CA ASP C 58 54.64 19.80 -15.64
C ASP C 58 53.42 19.60 -14.74
N TYR C 59 53.62 19.76 -13.44
CA TYR C 59 52.56 19.55 -12.47
C TYR C 59 51.91 20.86 -12.05
N ASN C 60 52.32 21.94 -12.70
CA ASN C 60 51.83 23.29 -12.35
C ASN C 60 52.11 23.66 -10.89
N ILE C 61 53.28 23.27 -10.42
CA ILE C 61 53.74 23.66 -9.08
C ILE C 61 54.37 25.04 -9.19
N GLN C 62 53.85 25.99 -8.42
CA GLN C 62 54.30 27.37 -8.54
C GLN C 62 55.02 27.84 -7.28
N LYS C 63 55.52 29.06 -7.31
CA LYS C 63 56.19 29.62 -6.14
C LYS C 63 55.28 29.48 -4.93
N GLU C 64 55.84 29.04 -3.82
CA GLU C 64 55.11 28.95 -2.56
C GLU C 64 54.10 27.82 -2.50
N SER C 65 54.11 26.93 -3.49
CA SER C 65 53.25 25.75 -3.45
C SER C 65 53.69 24.82 -2.34
N THR C 66 52.76 24.01 -1.84
CA THR C 66 53.08 22.99 -0.84
C THR C 66 52.99 21.58 -1.39
N LEU C 67 54.05 20.80 -1.21
CA LEU C 67 54.04 19.38 -1.56
C LEU C 67 53.97 18.59 -0.26
N HIS C 68 53.50 17.35 -0.33
CA HIS C 68 53.45 16.51 0.87
C HIS C 68 54.41 15.35 0.70
N LEU C 69 55.19 15.07 1.74
CA LEU C 69 56.17 14.00 1.69
C LEU C 69 55.75 12.86 2.60
N VAL C 70 55.73 11.65 2.04
CA VAL C 70 55.48 10.45 2.82
C VAL C 70 56.69 9.53 2.64
N LEU C 71 57.21 9.00 3.75
CA LEU C 71 58.32 8.07 3.66
C LEU C 71 57.84 6.62 3.64
N ARG C 72 58.45 5.84 2.76
CA ARG C 72 58.07 4.45 2.54
C ARG C 72 59.31 3.58 2.36
N LEU C 73 59.26 2.36 2.89
CA LEU C 73 60.37 1.43 2.75
C LEU C 73 60.54 1.04 1.30
N ARG C 74 61.77 1.16 0.81
CA ARG C 74 62.10 0.92 -0.58
C ARG C 74 61.58 -0.44 -1.10
N GLY C 75 61.83 -1.51 -0.36
CA GLY C 75 61.38 -2.82 -0.84
C GLY C 75 60.08 -3.28 -0.20
N GLY C 76 59.29 -2.35 0.31
CA GLY C 76 58.12 -2.68 1.08
C GLY C 76 56.87 -2.84 0.23
N MET C 77 55.78 -3.26 0.86
CA MET C 77 54.50 -3.32 0.19
C MET C 77 53.42 -3.13 1.22
N GLN C 78 52.22 -2.79 0.77
CA GLN C 78 51.09 -2.71 1.69
C GLN C 78 50.32 -4.01 1.67
N ILE C 79 49.82 -4.40 2.84
CA ILE C 79 48.83 -5.46 2.88
C ILE C 79 47.66 -4.99 3.73
N PHE C 80 46.53 -5.66 3.56
CA PHE C 80 45.32 -5.33 4.33
C PHE C 80 45.03 -6.47 5.28
N VAL C 81 44.71 -6.13 6.51
CA VAL C 81 44.32 -7.16 7.48
C VAL C 81 42.86 -6.92 7.84
N LYS C 82 41.99 -7.82 7.42
CA LYS C 82 40.56 -7.77 7.73
C LYS C 82 40.31 -8.41 9.09
N THR C 83 39.52 -7.78 9.95
CA THR C 83 39.13 -8.41 11.20
C THR C 83 37.69 -8.93 11.12
N LEU C 84 37.37 -9.99 11.86
CA LEU C 84 35.99 -10.53 11.84
C LEU C 84 35.07 -9.69 12.69
N THR C 85 35.65 -8.73 13.41
CA THR C 85 34.89 -7.93 14.34
C THR C 85 34.69 -6.51 13.83
N GLY C 86 35.13 -6.25 12.60
CA GLY C 86 34.95 -4.92 12.07
C GLY C 86 35.96 -4.50 11.04
N LYS C 87 36.72 -3.45 11.33
CA LYS C 87 37.46 -2.73 10.30
C LYS C 87 38.69 -3.41 9.73
N THR C 88 39.11 -2.90 8.58
CA THR C 88 40.31 -3.38 7.92
C THR C 88 41.45 -2.44 8.22
N ILE C 89 42.60 -2.98 8.62
CA ILE C 89 43.75 -2.15 8.80
C ILE C 89 44.72 -2.31 7.64
N THR C 90 45.49 -1.27 7.39
CA THR C 90 46.43 -1.26 6.28
C THR C 90 47.82 -1.15 6.90
N LEU C 91 48.72 -2.05 6.51
CA LEU C 91 50.06 -2.15 7.08
C LEU C 91 51.10 -2.06 5.97
N GLU C 92 52.23 -1.45 6.27
CA GLU C 92 53.41 -1.55 5.42
C GLU C 92 54.31 -2.64 5.98
N VAL C 93 54.66 -3.61 5.12
CA VAL C 93 55.48 -4.74 5.53
C VAL C 93 56.53 -4.97 4.47
N GLU C 94 57.43 -5.93 4.72
CA GLU C 94 58.36 -6.38 3.68
C GLU C 94 58.20 -7.88 3.51
N PRO C 95 58.49 -8.38 2.31
CA PRO C 95 58.37 -9.82 2.04
C PRO C 95 59.14 -10.69 3.03
N SER C 96 60.28 -10.22 3.53
CA SER C 96 61.09 -11.02 4.44
C SER C 96 60.58 -10.97 5.89
N ASP C 97 59.59 -10.13 6.16
CA ASP C 97 59.01 -10.11 7.51
C ASP C 97 58.43 -11.47 7.90
N THR C 98 58.63 -11.88 9.15
CA THR C 98 58.00 -13.11 9.62
C THR C 98 56.58 -12.81 10.07
N ILE C 99 55.79 -13.87 10.20
CA ILE C 99 54.42 -13.74 10.70
C ILE C 99 54.46 -13.11 12.11
N GLU C 100 55.47 -13.47 12.89
CA GLU C 100 55.69 -12.87 14.22
C GLU C 100 55.81 -11.35 14.11
N ASN C 101 56.64 -10.90 13.15
CA ASN C 101 56.81 -9.47 12.93
C ASN C 101 55.49 -8.78 12.58
N VAL C 102 54.70 -9.42 11.74
CA VAL C 102 53.43 -8.84 11.32
C VAL C 102 52.51 -8.70 12.53
N LYS C 103 52.46 -9.72 13.36
CA LYS C 103 51.60 -9.68 14.55
C LYS C 103 52.04 -8.55 15.47
N ALA C 104 53.35 -8.30 15.53
CA ALA C 104 53.85 -7.22 16.36
C ALA C 104 53.33 -5.87 15.85
N LYS C 105 53.26 -5.73 14.53
CA LYS C 105 52.71 -4.51 13.94
C LYS C 105 51.22 -4.38 14.20
N ILE C 106 50.52 -5.50 14.19
CA ILE C 106 49.09 -5.48 14.49
C ILE C 106 48.85 -5.07 15.94
N GLN C 107 49.71 -5.53 16.84
CA GLN C 107 49.59 -5.12 18.24
C GLN C 107 49.76 -3.60 18.38
N ASP C 108 50.74 -3.05 17.66
CA ASP C 108 50.96 -1.60 17.71
C ASP C 108 49.73 -0.82 17.30
N LYS C 109 49.02 -1.33 16.32
CA LYS C 109 47.87 -0.63 15.75
C LYS C 109 46.56 -0.91 16.50
N GLU C 110 46.37 -2.15 16.94
CA GLU C 110 45.07 -2.59 17.46
C GLU C 110 45.08 -3.13 18.89
N GLY C 111 46.28 -3.30 19.45
CA GLY C 111 46.42 -3.65 20.85
C GLY C 111 46.19 -5.10 21.24
N ILE C 112 46.17 -6.01 20.26
CA ILE C 112 45.99 -7.42 20.58
C ILE C 112 47.35 -8.08 20.72
N PRO C 113 47.58 -8.76 21.85
CA PRO C 113 48.84 -9.50 22.04
C PRO C 113 49.00 -10.55 20.95
N PRO C 114 50.22 -10.72 20.44
CA PRO C 114 50.46 -11.70 19.38
C PRO C 114 49.98 -13.11 19.73
N ASP C 115 50.08 -13.50 21.00
CA ASP C 115 49.69 -14.83 21.43
C ASP C 115 48.19 -15.08 21.19
N GLN C 116 47.43 -14.00 21.06
CA GLN C 116 46.00 -14.15 20.86
C GLN C 116 45.57 -13.82 19.44
N GLN C 117 46.52 -13.63 18.54
CA GLN C 117 46.19 -13.36 17.15
C GLN C 117 46.30 -14.65 16.36
N ARG C 118 45.34 -14.88 15.48
CA ARG C 118 45.47 -15.93 14.46
C ARG C 118 45.32 -15.27 13.10
N LEU C 119 46.32 -15.42 12.24
CA LEU C 119 46.27 -14.85 10.89
C LEU C 119 45.96 -15.94 9.87
N ILE C 120 45.02 -15.64 8.98
CA ILE C 120 44.57 -16.58 7.97
C ILE C 120 44.79 -15.97 6.60
N PHE C 121 45.38 -16.75 5.69
CA PHE C 121 45.57 -16.34 4.31
C PHE C 121 45.23 -17.52 3.42
N ALA C 122 44.40 -17.27 2.42
CA ALA C 122 44.01 -18.32 1.49
C ALA C 122 43.52 -19.55 2.23
N GLY C 123 42.74 -19.32 3.29
CA GLY C 123 42.13 -20.39 4.05
C GLY C 123 43.03 -21.11 5.05
N LYS C 124 44.31 -20.72 5.10
CA LYS C 124 45.27 -21.41 5.96
C LYS C 124 45.71 -20.52 7.12
N GLN C 125 45.85 -21.11 8.31
CA GLN C 125 46.36 -20.36 9.47
C GLN C 125 47.89 -20.28 9.43
N LEU C 126 48.39 -19.06 9.40
CA LEU C 126 49.83 -18.81 9.22
C LEU C 126 50.68 -19.08 10.46
N GLU C 127 51.87 -19.64 10.25
CA GLU C 127 52.78 -20.00 11.33
C GLU C 127 53.77 -18.88 11.63
N ASP C 128 54.01 -18.65 12.93
CA ASP C 128 54.83 -17.52 13.41
C ASP C 128 56.19 -17.33 12.74
N GLY C 129 56.96 -18.41 12.62
CA GLY C 129 58.34 -18.31 12.16
C GLY C 129 58.55 -18.26 10.66
N ARG C 130 57.47 -18.35 9.88
CA ARG C 130 57.62 -18.28 8.44
C ARG C 130 57.49 -16.83 7.96
N THR C 131 57.92 -16.56 6.73
CA THR C 131 57.85 -15.21 6.20
C THR C 131 56.66 -15.00 5.26
N LEU C 132 56.36 -13.74 4.97
CA LEU C 132 55.30 -13.42 4.05
C LEU C 132 55.62 -14.07 2.69
N SER C 133 56.90 -14.06 2.31
CA SER C 133 57.32 -14.70 1.06
C SER C 133 57.02 -16.18 1.02
N ASP C 134 57.19 -16.87 2.15
CA ASP C 134 56.90 -18.29 2.22
C ASP C 134 55.45 -18.61 1.88
N TYR C 135 54.54 -17.67 2.15
CA TYR C 135 53.13 -17.89 1.89
C TYR C 135 52.68 -17.22 0.60
N ASN C 136 53.66 -16.68 -0.14
CA ASN C 136 53.40 -15.93 -1.37
C ASN C 136 52.39 -14.80 -1.18
N ILE C 137 52.47 -14.15 -0.02
CA ILE C 137 51.65 -12.97 0.25
C ILE C 137 52.30 -11.81 -0.50
N GLN C 138 51.52 -11.14 -1.34
CA GLN C 138 52.07 -10.13 -2.24
C GLN C 138 51.47 -8.76 -1.98
N LYS C 139 51.84 -7.79 -2.81
CA LYS C 139 51.33 -6.43 -2.62
C LYS C 139 49.80 -6.40 -2.66
N GLU C 140 49.24 -5.67 -1.70
CA GLU C 140 47.81 -5.51 -1.55
C GLU C 140 47.04 -6.79 -1.28
N SER C 141 47.74 -7.84 -0.85
CA SER C 141 47.06 -9.04 -0.37
C SER C 141 46.20 -8.71 0.85
N THR C 142 45.14 -9.48 1.07
CA THR C 142 44.38 -9.36 2.30
C THR C 142 44.55 -10.60 3.19
N LEU C 143 44.90 -10.37 4.45
CA LEU C 143 44.92 -11.43 5.46
C LEU C 143 43.70 -11.23 6.36
N HIS C 144 43.32 -12.28 7.08
CA HIS C 144 42.23 -12.16 8.04
C HIS C 144 42.77 -12.39 9.43
N LEU C 145 42.37 -11.53 10.36
CA LEU C 145 42.76 -11.67 11.75
C LEU C 145 41.59 -12.20 12.56
N VAL C 146 41.82 -13.30 13.28
CA VAL C 146 40.84 -13.77 14.25
C VAL C 146 41.46 -13.64 15.62
N LEU C 147 40.69 -13.16 16.59
CA LEU C 147 41.16 -13.03 17.96
C LEU C 147 40.83 -14.27 18.75
N ARG C 148 41.84 -14.85 19.40
CA ARG C 148 41.58 -16.00 20.25
C ARG C 148 41.26 -15.51 21.66
N LEU C 149 39.99 -15.63 22.04
CA LEU C 149 39.53 -15.06 23.31
C LEU C 149 39.50 -16.09 24.43
N ARG C 150 39.83 -15.63 25.64
CA ARG C 150 39.81 -16.50 26.81
C ARG C 150 38.39 -16.94 27.18
N GLY C 151 38.30 -18.05 27.90
CA GLY C 151 37.02 -18.62 28.29
C GLY C 151 36.49 -19.55 27.22
N MET D 5 41.54 15.52 -12.66
CA MET D 5 41.63 15.13 -11.27
C MET D 5 41.18 13.69 -11.05
N PRO D 6 41.97 12.92 -10.29
CA PRO D 6 41.57 11.54 -9.97
C PRO D 6 40.22 11.52 -9.25
N VAL D 7 39.46 10.46 -9.44
CA VAL D 7 38.21 10.27 -8.72
C VAL D 7 38.49 9.41 -7.50
N GLY D 8 38.05 9.85 -6.33
CA GLY D 8 38.25 9.02 -5.14
C GLY D 8 38.27 9.85 -3.88
N TRP D 9 38.81 9.24 -2.81
CA TRP D 9 38.83 9.90 -1.52
C TRP D 9 40.17 10.52 -1.19
N GLN D 10 40.12 11.79 -0.81
CA GLN D 10 41.31 12.49 -0.38
C GLN D 10 41.73 12.01 1.01
N CYS D 11 42.97 11.59 1.14
CA CYS D 11 43.52 11.28 2.45
C CYS D 11 43.72 12.59 3.20
N PRO D 12 43.03 12.75 4.34
CA PRO D 12 43.21 14.03 5.04
C PRO D 12 44.61 14.16 5.61
N GLY D 13 45.33 13.05 5.72
CA GLY D 13 46.70 13.06 6.21
C GLY D 13 47.74 13.57 5.22
N CYS D 14 47.79 12.96 4.04
CA CYS D 14 48.83 13.29 3.04
C CYS D 14 48.28 13.94 1.77
N THR D 15 46.94 14.00 1.65
CA THR D 15 46.22 14.62 0.50
C THR D 15 46.15 13.80 -0.78
N PHE D 16 46.73 12.61 -0.77
CA PHE D 16 46.65 11.75 -1.93
C PHE D 16 45.20 11.36 -2.17
N ILE D 17 44.76 11.36 -3.44
CA ILE D 17 43.42 10.93 -3.78
C ILE D 17 43.46 9.45 -4.09
N ASN D 18 42.73 8.67 -3.29
CA ASN D 18 42.79 7.22 -3.33
C ASN D 18 41.67 6.60 -4.14
N LYS D 19 41.93 5.43 -4.73
CA LYS D 19 40.86 4.66 -5.35
C LYS D 19 39.70 4.51 -4.37
N PRO D 20 38.47 4.69 -4.86
CA PRO D 20 37.30 4.62 -3.98
C PRO D 20 37.25 3.34 -3.18
N THR D 21 37.81 2.27 -3.75
CA THR D 21 37.67 0.95 -3.18
C THR D 21 38.78 0.55 -2.21
N ARG D 22 39.78 1.40 -2.05
CA ARG D 22 40.91 1.07 -1.15
C ARG D 22 40.55 1.39 0.30
N PRO D 23 40.78 0.43 1.22
CA PRO D 23 40.40 0.60 2.63
C PRO D 23 41.27 1.59 3.41
N GLY D 24 42.49 1.81 2.93
CA GLY D 24 43.43 2.70 3.60
C GLY D 24 44.26 3.37 2.53
N CYS D 25 44.99 4.43 2.92
CA CYS D 25 45.70 5.27 1.97
C CYS D 25 46.89 4.56 1.33
N GLU D 26 46.92 4.57 0.01
CA GLU D 26 47.98 3.97 -0.78
C GLU D 26 49.35 4.55 -0.47
N MET D 27 49.40 5.80 -0.01
CA MET D 27 50.68 6.41 0.34
C MET D 27 51.05 6.20 1.82
N CYS D 28 50.12 6.49 2.73
CA CYS D 28 50.48 6.59 4.14
C CYS D 28 49.75 5.63 5.11
N CYS D 29 48.88 4.77 4.59
CA CYS D 29 48.15 3.75 5.37
C CYS D 29 46.98 4.26 6.22
N ARG D 30 46.75 5.57 6.26
CA ARG D 30 45.62 6.07 7.04
C ARG D 30 44.27 5.52 6.54
N ALA D 31 43.35 5.27 7.47
CA ALA D 31 42.03 4.71 7.09
C ALA D 31 41.19 5.66 6.25
N ARG D 32 40.36 5.07 5.37
CA ARG D 32 39.44 5.87 4.56
C ARG D 32 38.43 6.59 5.45
N PRO D 33 38.01 7.79 5.02
CA PRO D 33 36.96 8.49 5.77
C PRO D 33 35.68 7.68 5.86
N GLU D 34 35.11 7.64 7.05
CA GLU D 34 33.91 6.87 7.33
C GLU D 34 32.74 7.19 6.41
N THR D 35 32.58 8.47 6.07
CA THR D 35 31.37 8.90 5.36
C THR D 35 31.50 8.94 3.84
N TYR D 36 32.71 8.77 3.34
CA TYR D 36 32.93 8.71 1.91
C TYR D 36 32.12 7.57 1.26
N GLN D 37 31.43 7.87 0.17
CA GLN D 37 30.70 6.82 -0.58
C GLN D 37 31.31 6.51 -1.94
N ILE D 38 31.46 5.22 -2.24
CA ILE D 38 31.97 4.83 -3.55
C ILE D 38 30.95 5.14 -4.64
N PRO D 39 31.37 5.84 -5.71
CA PRO D 39 30.49 6.06 -6.85
C PRO D 39 30.27 4.73 -7.54
N ALA D 40 29.02 4.30 -7.69
CA ALA D 40 28.73 3.02 -8.32
C ALA D 40 29.27 2.98 -9.75
N SER D 41 29.32 4.15 -10.39
CA SER D 41 29.84 4.29 -11.75
C SER D 41 31.34 4.05 -11.85
N TYR D 42 32.02 4.05 -10.70
CA TYR D 42 33.47 3.91 -10.68
C TYR D 42 33.91 2.63 -11.40
N GLN D 43 34.87 2.75 -12.30
CA GLN D 43 35.44 1.59 -12.96
C GLN D 43 36.88 1.48 -12.54
N PRO D 44 37.16 0.54 -11.64
CA PRO D 44 38.53 0.36 -11.14
C PRO D 44 39.46 -0.05 -12.26
N ASP D 45 40.73 0.36 -12.14
CA ASP D 45 41.74 -0.08 -13.09
C ASP D 45 41.81 -1.59 -13.06
N GLU D 46 42.45 -2.18 -14.06
CA GLU D 46 42.48 -3.63 -14.21
C GLU D 46 42.99 -4.35 -12.97
N GLU D 47 44.02 -3.80 -12.34
CA GLU D 47 44.65 -4.47 -11.21
C GLU D 47 43.74 -4.44 -9.98
N GLU D 48 43.14 -3.29 -9.73
CA GLU D 48 42.22 -3.14 -8.59
C GLU D 48 40.98 -4.00 -8.82
N ARG D 49 40.52 -4.05 -10.07
CA ARG D 49 39.37 -4.90 -10.38
C ARG D 49 39.70 -6.37 -10.09
N ALA D 50 40.89 -6.81 -10.48
CA ALA D 50 41.31 -8.18 -10.21
C ALA D 50 41.40 -8.43 -8.69
N ARG D 51 41.88 -7.44 -7.95
CA ARG D 51 42.03 -7.56 -6.51
C ARG D 51 40.66 -7.79 -5.88
N LEU D 52 39.70 -6.95 -6.25
CA LEU D 52 38.33 -7.09 -5.76
C LEU D 52 37.68 -8.40 -6.20
N ALA D 53 37.91 -8.81 -7.44
CA ALA D 53 37.33 -10.06 -7.92
C ALA D 53 37.84 -11.23 -7.08
N GLY D 54 39.11 -11.13 -6.68
CA GLY D 54 39.71 -12.13 -5.84
C GLY D 54 39.06 -12.22 -4.48
N GLU D 55 38.81 -11.06 -3.87
CA GLU D 55 38.17 -11.04 -2.55
C GLU D 55 36.77 -11.60 -2.62
N GLU D 56 36.06 -11.28 -3.71
CA GLU D 56 34.70 -11.80 -3.88
C GLU D 56 34.70 -13.32 -4.05
N GLU D 57 35.65 -13.84 -4.82
CA GLU D 57 35.76 -15.28 -5.02
C GLU D 57 35.98 -16.02 -3.70
N ALA D 58 36.70 -15.38 -2.78
CA ALA D 58 36.99 -15.99 -1.50
C ALA D 58 35.77 -16.10 -0.60
N LEU D 59 34.73 -15.34 -0.92
CA LEU D 59 33.47 -15.40 -0.18
C LEU D 59 32.55 -16.49 -0.71
N ARG D 60 32.80 -16.93 -1.94
CA ARG D 60 31.91 -17.85 -2.62
C ARG D 60 32.27 -19.32 -2.40
N GLN D 61 31.26 -20.16 -2.39
CA GLN D 61 31.44 -21.59 -2.33
C GLN D 61 30.57 -22.22 -3.39
N TYR D 62 31.19 -23.00 -4.26
CA TYR D 62 30.45 -23.74 -5.27
C TYR D 62 31.32 -24.81 -5.86
N GLN D 63 30.71 -25.94 -6.19
CA GLN D 63 31.44 -27.05 -6.78
C GLN D 63 31.73 -26.79 -8.25
N MET E 1 -60.75 14.80 22.24
CA MET E 1 -59.51 15.32 21.68
C MET E 1 -59.51 15.36 20.15
N GLN E 2 -58.67 16.22 19.60
CA GLN E 2 -58.57 16.40 18.16
C GLN E 2 -57.46 15.52 17.58
N ILE E 3 -57.76 14.81 16.49
CA ILE E 3 -56.71 14.16 15.72
C ILE E 3 -56.86 14.52 14.25
N PHE E 4 -55.81 14.31 13.47
CA PHE E 4 -55.83 14.69 12.06
C PHE E 4 -55.55 13.48 11.21
N VAL E 5 -56.19 13.41 10.06
CA VAL E 5 -55.95 12.31 9.14
C VAL E 5 -55.53 12.86 7.79
N LYS E 6 -54.29 12.56 7.40
CA LYS E 6 -53.74 13.06 6.14
C LYS E 6 -54.06 12.07 5.03
N THR E 7 -54.51 12.57 3.88
CA THR E 7 -54.71 11.71 2.71
C THR E 7 -53.60 11.91 1.70
N LEU E 8 -53.45 10.98 0.76
CA LEU E 8 -52.44 11.13 -0.28
C LEU E 8 -52.79 12.19 -1.32
N THR E 9 -54.03 12.69 -1.29
CA THR E 9 -54.44 13.76 -2.19
C THR E 9 -54.18 15.14 -1.58
N GLY E 10 -53.70 15.15 -0.34
CA GLY E 10 -53.24 16.39 0.27
C GLY E 10 -54.23 16.97 1.25
N LYS E 11 -55.39 16.30 1.38
CA LYS E 11 -56.43 16.74 2.29
C LYS E 11 -56.09 16.35 3.71
N THR E 12 -56.62 17.11 4.66
CA THR E 12 -56.51 16.76 6.06
C THR E 12 -57.94 16.73 6.62
N ILE E 13 -58.32 15.58 7.15
CA ILE E 13 -59.61 15.43 7.82
C ILE E 13 -59.39 15.62 9.31
N THR E 14 -60.18 16.48 9.93
CA THR E 14 -60.04 16.74 11.35
C THR E 14 -61.16 16.03 12.11
N LEU E 15 -60.79 15.21 13.08
CA LEU E 15 -61.76 14.42 13.84
C LEU E 15 -61.74 14.74 15.33
N GLU E 16 -62.90 14.69 15.99
CA GLU E 16 -62.97 14.73 17.45
C GLU E 16 -63.15 13.30 17.95
N VAL E 17 -62.22 12.84 18.78
CA VAL E 17 -62.25 11.46 19.22
C VAL E 17 -61.92 11.36 20.70
N GLU E 18 -62.13 10.18 21.27
CA GLU E 18 -61.62 9.86 22.59
C GLU E 18 -60.58 8.77 22.45
N PRO E 19 -59.60 8.71 23.36
CA PRO E 19 -58.57 7.67 23.27
C PRO E 19 -59.16 6.26 23.27
N SER E 20 -60.35 6.11 23.85
CA SER E 20 -61.04 4.82 23.90
C SER E 20 -61.72 4.43 22.58
N ASP E 21 -61.77 5.36 21.63
CA ASP E 21 -62.40 5.06 20.35
C ASP E 21 -61.65 3.96 19.61
N THR E 22 -62.40 3.02 19.03
CA THR E 22 -61.77 1.97 18.24
C THR E 22 -61.39 2.47 16.86
N ILE E 23 -60.50 1.76 16.19
CA ILE E 23 -60.15 2.09 14.82
C ILE E 23 -61.41 2.03 13.93
N GLU E 24 -62.26 1.03 14.17
CA GLU E 24 -63.53 0.93 13.43
C GLU E 24 -64.36 2.22 13.58
N ASN E 25 -64.43 2.73 14.81
CA ASN E 25 -65.12 4.00 15.08
C ASN E 25 -64.54 5.16 14.28
N VAL E 26 -63.21 5.22 14.20
CA VAL E 26 -62.54 6.30 13.48
C VAL E 26 -62.86 6.21 11.98
N LYS E 27 -62.84 4.99 11.44
CA LYS E 27 -63.16 4.82 10.02
C LYS E 27 -64.61 5.21 9.74
N ALA E 28 -65.50 4.94 10.68
CA ALA E 28 -66.90 5.34 10.53
C ALA E 28 -67.06 6.87 10.49
N LYS E 29 -66.28 7.56 11.31
CA LYS E 29 -66.27 9.01 11.28
C LYS E 29 -65.72 9.52 9.96
N ILE E 30 -64.71 8.84 9.43
CA ILE E 30 -64.16 9.23 8.15
C ILE E 30 -65.19 9.06 7.02
N GLN E 31 -65.97 7.99 7.08
CA GLN E 31 -67.00 7.78 6.08
C GLN E 31 -68.05 8.88 6.19
N ASP E 32 -68.33 9.32 7.40
CA ASP E 32 -69.29 10.40 7.58
C ASP E 32 -68.80 11.69 6.94
N LYS E 33 -67.54 12.00 7.15
CA LYS E 33 -66.94 13.23 6.64
C LYS E 33 -66.66 13.20 5.14
N GLU E 34 -66.19 12.08 4.62
CA GLU E 34 -65.66 12.02 3.26
C GLU E 34 -66.38 11.04 2.33
N GLY E 35 -67.28 10.22 2.86
CA GLY E 35 -68.04 9.31 2.04
C GLY E 35 -67.28 8.04 1.65
N ILE E 36 -66.14 7.81 2.30
CA ILE E 36 -65.30 6.64 2.01
C ILE E 36 -65.71 5.44 2.85
N PRO E 37 -66.11 4.35 2.21
CA PRO E 37 -66.51 3.16 2.98
C PRO E 37 -65.35 2.62 3.83
N PRO E 38 -65.64 2.22 5.07
CA PRO E 38 -64.55 1.73 5.93
C PRO E 38 -63.76 0.58 5.32
N ASP E 39 -64.37 -0.26 4.49
CA ASP E 39 -63.64 -1.40 3.93
C ASP E 39 -62.62 -1.01 2.87
N GLN E 40 -62.63 0.27 2.48
CA GLN E 40 -61.63 0.80 1.55
C GLN E 40 -60.52 1.53 2.29
N GLN E 41 -60.64 1.68 3.60
CA GLN E 41 -59.70 2.51 4.36
C GLN E 41 -58.58 1.72 5.04
N ARG E 42 -57.35 2.20 4.87
CA ARG E 42 -56.25 1.72 5.69
CA ARG E 42 -56.21 1.73 5.65
C ARG E 42 -55.69 2.92 6.44
N LEU E 43 -55.61 2.80 7.76
CA LEU E 43 -55.03 3.86 8.58
C LEU E 43 -53.65 3.44 9.11
N ILE E 44 -52.75 4.41 9.13
CA ILE E 44 -51.35 4.21 9.49
C ILE E 44 -50.95 5.21 10.57
N PHE E 45 -50.28 4.73 11.63
CA PHE E 45 -49.70 5.60 12.64
C PHE E 45 -48.45 4.91 13.17
N ALA E 46 -47.41 5.69 13.46
CA ALA E 46 -46.15 5.12 13.95
C ALA E 46 -45.62 4.01 13.03
N GLY E 47 -45.81 4.21 11.74
CA GLY E 47 -45.32 3.29 10.74
C GLY E 47 -46.09 1.98 10.62
N LYS E 48 -47.20 1.85 11.36
CA LYS E 48 -47.94 0.60 11.40
C LYS E 48 -49.35 0.74 10.87
N GLN E 49 -49.87 -0.35 10.31
CA GLN E 49 -51.27 -0.40 9.89
C GLN E 49 -52.16 -0.66 11.12
N LEU E 50 -53.12 0.23 11.37
CA LEU E 50 -53.96 0.11 12.58
C LEU E 50 -55.07 -0.92 12.42
N GLU E 51 -55.25 -1.78 13.43
CA GLU E 51 -56.23 -2.88 13.36
C GLU E 51 -57.60 -2.47 13.92
N ASP E 52 -58.67 -2.80 13.19
CA ASP E 52 -60.03 -2.30 13.51
C ASP E 52 -60.54 -2.42 14.96
N GLY E 53 -60.17 -3.51 15.66
CA GLY E 53 -60.71 -3.77 16.98
C GLY E 53 -59.89 -3.19 18.13
N ARG E 54 -58.78 -2.56 17.79
CA ARG E 54 -57.95 -1.86 18.77
C ARG E 54 -58.43 -0.43 18.95
N THR E 55 -57.95 0.23 19.99
CA THR E 55 -58.31 1.63 20.24
C THR E 55 -57.16 2.56 19.94
N LEU E 56 -57.46 3.86 19.85
CA LEU E 56 -56.42 4.86 19.66
C LEU E 56 -55.37 4.76 20.77
N SER E 57 -55.83 4.53 22.01
CA SER E 57 -54.91 4.42 23.14
C SER E 57 -53.98 3.21 23.01
N ASP E 58 -54.44 2.12 22.38
CA ASP E 58 -53.59 0.95 22.17
C ASP E 58 -52.35 1.30 21.37
N TYR E 59 -52.46 2.32 20.53
CA TYR E 59 -51.37 2.72 19.66
C TYR E 59 -50.66 3.98 20.16
N ASN E 60 -50.99 4.39 21.38
CA ASN E 60 -50.44 5.61 21.96
C ASN E 60 -50.72 6.84 21.12
N ILE E 61 -51.91 6.89 20.54
CA ILE E 61 -52.33 8.05 19.76
C ILE E 61 -52.84 9.15 20.69
N GLN E 62 -52.25 10.33 20.60
CA GLN E 62 -52.54 11.42 21.52
C GLN E 62 -53.20 12.62 20.85
N LYS E 63 -53.58 13.62 21.65
CA LYS E 63 -54.15 14.83 21.09
C LYS E 63 -53.25 15.40 20.01
N GLU E 64 -53.86 15.79 18.90
CA GLU E 64 -53.15 16.43 17.80
C GLU E 64 -52.23 15.50 17.02
N SER E 65 -52.32 14.19 17.25
CA SER E 65 -51.58 13.23 16.43
C SER E 65 -52.11 13.24 15.00
N THR E 66 -51.25 12.91 14.04
CA THR E 66 -51.69 12.74 12.66
C THR E 66 -51.63 11.26 12.24
N LEU E 67 -52.74 10.76 11.70
CA LEU E 67 -52.77 9.43 11.09
C LEU E 67 -52.71 9.64 9.59
N HIS E 68 -52.31 8.60 8.86
CA HIS E 68 -52.30 8.67 7.42
C HIS E 68 -53.33 7.67 6.86
N LEU E 69 -54.11 8.13 5.89
CA LEU E 69 -55.14 7.29 5.26
C LEU E 69 -54.78 6.93 3.82
N VAL E 70 -54.78 5.64 3.52
CA VAL E 70 -54.57 5.16 2.17
C VAL E 70 -55.81 4.38 1.75
N LEU E 71 -56.32 4.67 0.57
CA LEU E 71 -57.50 3.97 0.05
C LEU E 71 -57.12 2.74 -0.75
N ARG E 72 -57.82 1.63 -0.53
CA ARG E 72 -57.45 0.39 -1.21
C ARG E 72 -58.72 -0.34 -1.63
N LEU E 73 -58.64 -1.16 -2.67
CA LEU E 73 -59.82 -1.95 -3.06
C LEU E 73 -60.08 -2.97 -1.98
N ARG E 74 -61.35 -3.15 -1.61
CA ARG E 74 -61.66 -4.03 -0.48
C ARG E 74 -61.24 -5.49 -0.72
N GLY E 75 -61.23 -5.92 -1.97
CA GLY E 75 -60.89 -7.31 -2.26
C GLY E 75 -59.53 -7.44 -2.92
N GLY E 76 -58.77 -6.35 -2.91
CA GLY E 76 -57.54 -6.30 -3.66
C GLY E 76 -56.36 -6.97 -3.00
N MET E 77 -55.31 -7.14 -3.78
CA MET E 77 -54.06 -7.67 -3.28
C MET E 77 -53.00 -6.99 -4.11
N GLN E 78 -51.74 -7.12 -3.72
CA GLN E 78 -50.65 -6.55 -4.51
C GLN E 78 -49.95 -7.67 -5.23
N ILE E 79 -49.48 -7.38 -6.44
CA ILE E 79 -48.50 -8.23 -7.11
C ILE E 79 -47.36 -7.32 -7.55
N PHE E 80 -46.21 -7.94 -7.83
CA PHE E 80 -45.07 -7.17 -8.27
C PHE E 80 -44.86 -7.51 -9.74
N VAL E 81 -44.47 -6.51 -10.52
CA VAL E 81 -44.12 -6.75 -11.91
C VAL E 81 -42.68 -6.31 -12.13
N LYS E 82 -41.82 -7.27 -12.43
CA LYS E 82 -40.42 -6.99 -12.69
C LYS E 82 -40.28 -6.77 -14.19
N THR E 83 -39.83 -5.58 -14.58
CA THR E 83 -39.74 -5.27 -15.99
C THR E 83 -38.35 -5.57 -16.54
N LEU E 84 -38.27 -5.55 -17.86
CA LEU E 84 -37.02 -5.75 -18.60
C LEU E 84 -35.98 -4.67 -18.32
N THR E 85 -36.41 -3.53 -17.79
CA THR E 85 -35.49 -2.43 -17.55
C THR E 85 -34.92 -2.49 -16.14
N GLY E 86 -35.28 -3.53 -15.40
CA GLY E 86 -34.82 -3.68 -14.03
C GLY E 86 -35.77 -3.15 -12.97
N LYS E 87 -36.72 -2.31 -13.39
CA LYS E 87 -37.69 -1.72 -12.48
C LYS E 87 -38.70 -2.74 -11.98
N THR E 88 -39.03 -2.67 -10.70
CA THR E 88 -40.12 -3.48 -10.18
C THR E 88 -41.28 -2.56 -9.86
N ILE E 89 -42.42 -2.79 -10.47
CA ILE E 89 -43.58 -2.00 -10.11
C ILE E 89 -44.52 -2.81 -9.24
N THR E 90 -45.19 -2.11 -8.34
CA THR E 90 -46.14 -2.74 -7.43
C THR E 90 -47.55 -2.30 -7.83
N LEU E 91 -48.40 -3.30 -8.06
CA LEU E 91 -49.76 -3.02 -8.52
C LEU E 91 -50.78 -3.59 -7.55
N GLU E 92 -51.86 -2.86 -7.37
CA GLU E 92 -53.03 -3.38 -6.67
C GLU E 92 -53.99 -3.97 -7.69
N VAL E 93 -54.34 -5.25 -7.49
CA VAL E 93 -55.21 -5.96 -8.43
C VAL E 93 -56.19 -6.78 -7.63
N GLU E 94 -57.11 -7.44 -8.34
CA GLU E 94 -58.00 -8.41 -7.71
C GLU E 94 -57.80 -9.77 -8.36
N PRO E 95 -58.05 -10.86 -7.62
CA PRO E 95 -57.88 -12.18 -8.26
C PRO E 95 -58.73 -12.34 -9.52
N SER E 96 -59.87 -11.65 -9.57
CA SER E 96 -60.78 -11.78 -10.71
C SER E 96 -60.37 -10.94 -11.91
N ASP E 97 -59.39 -10.07 -11.75
CA ASP E 97 -58.86 -9.27 -12.85
C ASP E 97 -58.30 -10.14 -13.97
N THR E 98 -58.58 -9.76 -15.21
CA THR E 98 -57.96 -10.41 -16.37
C THR E 98 -56.56 -9.87 -16.61
N ILE E 99 -55.77 -10.63 -17.38
CA ILE E 99 -54.46 -10.16 -17.79
C ILE E 99 -54.59 -8.82 -18.52
N GLU E 100 -55.62 -8.69 -19.35
CA GLU E 100 -55.89 -7.42 -20.04
C GLU E 100 -56.08 -6.26 -19.06
N ASN E 101 -56.78 -6.50 -17.96
CA ASN E 101 -56.97 -5.48 -16.93
C ASN E 101 -55.65 -5.10 -16.30
N VAL E 102 -54.81 -6.10 -16.05
CA VAL E 102 -53.49 -5.85 -15.48
C VAL E 102 -52.62 -5.03 -16.42
N LYS E 103 -52.67 -5.36 -17.72
CA LYS E 103 -51.91 -4.58 -18.69
C LYS E 103 -52.34 -3.11 -18.71
N ALA E 104 -53.63 -2.89 -18.55
CA ALA E 104 -54.14 -1.52 -18.52
C ALA E 104 -53.57 -0.73 -17.34
N LYS E 105 -53.44 -1.39 -16.18
CA LYS E 105 -52.78 -0.77 -15.03
C LYS E 105 -51.30 -0.49 -15.30
N ILE E 106 -50.64 -1.41 -15.99
CA ILE E 106 -49.26 -1.18 -16.37
C ILE E 106 -49.12 0.01 -17.33
N GLN E 107 -50.06 0.16 -18.25
CA GLN E 107 -50.03 1.31 -19.16
C GLN E 107 -50.16 2.64 -18.41
N ASP E 108 -51.01 2.67 -17.40
CA ASP E 108 -51.20 3.87 -16.58
C ASP E 108 -49.90 4.28 -15.92
N LYS E 109 -49.12 3.29 -15.53
CA LYS E 109 -47.86 3.55 -14.80
C LYS E 109 -46.65 3.68 -15.72
N GLU E 110 -46.60 2.89 -16.79
CA GLU E 110 -45.39 2.80 -17.62
C GLU E 110 -45.54 3.32 -19.05
N GLY E 111 -46.77 3.58 -19.48
CA GLY E 111 -47.00 4.12 -20.81
C GLY E 111 -46.85 3.17 -21.98
N ILE E 112 -46.75 1.87 -21.71
CA ILE E 112 -46.60 0.89 -22.77
C ILE E 112 -47.98 0.40 -23.16
N PRO E 113 -48.33 0.52 -24.45
CA PRO E 113 -49.63 0.02 -24.91
C PRO E 113 -49.74 -1.46 -24.62
N PRO E 114 -50.91 -1.91 -24.14
CA PRO E 114 -51.14 -3.30 -23.76
C PRO E 114 -50.76 -4.27 -24.87
N ASP E 115 -50.98 -3.88 -26.12
CA ASP E 115 -50.68 -4.74 -27.25
C ASP E 115 -49.18 -5.01 -27.41
N GLN E 116 -48.35 -4.18 -26.78
CA GLN E 116 -46.91 -4.39 -26.81
C GLN E 116 -46.38 -5.00 -25.52
N GLN E 117 -47.26 -5.25 -24.56
CA GLN E 117 -46.85 -5.90 -23.32
C GLN E 117 -46.97 -7.42 -23.39
N ARG E 118 -45.97 -8.11 -22.85
CA ARG E 118 -46.10 -9.55 -22.62
C ARG E 118 -45.79 -9.83 -21.15
N LEU E 119 -46.71 -10.53 -20.49
CA LEU E 119 -46.49 -10.90 -19.11
C LEU E 119 -46.16 -12.37 -19.02
N ILE E 120 -45.20 -12.71 -18.16
CA ILE E 120 -44.75 -14.10 -18.02
C ILE E 120 -44.77 -14.51 -16.54
N PHE E 121 -45.27 -15.71 -16.27
CA PHE E 121 -45.31 -16.22 -14.91
C PHE E 121 -45.11 -17.73 -14.97
N ALA E 122 -44.29 -18.26 -14.05
CA ALA E 122 -44.04 -19.70 -14.03
C ALA E 122 -43.66 -20.21 -15.40
N GLY E 123 -42.96 -19.38 -16.15
CA GLY E 123 -42.39 -19.79 -17.42
C GLY E 123 -43.32 -19.72 -18.62
N LYS E 124 -44.56 -19.30 -18.39
CA LYS E 124 -45.49 -19.21 -19.52
C LYS E 124 -45.90 -17.78 -19.79
N GLN E 125 -46.20 -17.50 -21.06
CA GLN E 125 -46.71 -16.20 -21.44
C GLN E 125 -48.21 -16.21 -21.16
N LEU E 126 -48.67 -15.22 -20.42
CA LEU E 126 -50.06 -15.17 -19.98
C LEU E 126 -50.97 -14.61 -21.07
N GLU E 127 -52.18 -15.16 -21.18
CA GLU E 127 -53.13 -14.74 -22.21
C GLU E 127 -54.09 -13.68 -21.71
N ASP E 128 -54.35 -12.66 -22.54
CA ASP E 128 -55.13 -11.49 -22.11
C ASP E 128 -56.47 -11.80 -21.45
N GLY E 129 -57.19 -12.77 -22.00
CA GLY E 129 -58.57 -13.03 -21.59
C GLY E 129 -58.73 -13.83 -20.30
N ARG E 130 -57.63 -14.35 -19.78
CA ARG E 130 -57.68 -15.19 -18.61
C ARG E 130 -57.43 -14.37 -17.34
N THR E 131 -57.90 -14.86 -16.20
CA THR E 131 -57.76 -14.09 -14.95
C THR E 131 -56.54 -14.50 -14.15
N LEU E 132 -56.17 -13.68 -13.18
CA LEU E 132 -55.06 -13.98 -12.28
C LEU E 132 -55.36 -15.27 -11.53
N SER E 133 -56.58 -15.40 -11.02
CA SER E 133 -56.98 -16.63 -10.33
C SER E 133 -56.87 -17.87 -11.21
N ASP E 134 -57.23 -17.72 -12.48
CA ASP E 134 -57.04 -18.74 -13.50
C ASP E 134 -55.63 -19.35 -13.41
N TYR E 135 -54.65 -18.46 -13.38
CA TYR E 135 -53.23 -18.80 -13.41
C TYR E 135 -52.66 -19.10 -12.03
N ASN E 136 -53.52 -19.09 -11.02
CA ASN E 136 -53.10 -19.27 -9.63
C ASN E 136 -52.07 -18.23 -9.23
N ILE E 137 -52.26 -17.00 -9.71
CA ILE E 137 -51.41 -15.90 -9.30
C ILE E 137 -51.96 -15.35 -7.99
N GLN E 138 -51.14 -15.42 -6.95
CA GLN E 138 -51.59 -15.09 -5.60
C GLN E 138 -50.97 -13.82 -5.07
N LYS E 139 -51.36 -13.42 -3.87
CA LYS E 139 -50.85 -12.18 -3.30
C LYS E 139 -49.33 -12.18 -3.30
N GLU E 140 -48.75 -11.07 -3.73
CA GLU E 140 -47.33 -10.82 -3.67
C GLU E 140 -46.52 -11.70 -4.62
N SER E 141 -47.21 -12.27 -5.61
CA SER E 141 -46.54 -12.98 -6.70
C SER E 141 -45.75 -11.97 -7.52
N THR E 142 -44.68 -12.41 -8.17
CA THR E 142 -43.97 -11.54 -9.10
C THR E 142 -44.17 -12.03 -10.55
N LEU E 143 -44.64 -11.13 -11.40
CA LEU E 143 -44.75 -11.41 -12.85
C LEU E 143 -43.61 -10.70 -13.56
N HIS E 144 -43.30 -11.16 -14.76
CA HIS E 144 -42.25 -10.53 -15.55
C HIS E 144 -42.84 -9.90 -16.78
N LEU E 145 -42.46 -8.65 -17.02
CA LEU E 145 -42.95 -7.89 -18.15
C LEU E 145 -41.86 -7.77 -19.21
N VAL E 146 -42.15 -8.25 -20.42
CA VAL E 146 -41.22 -8.09 -21.53
C VAL E 146 -41.94 -7.32 -22.62
N LEU E 147 -41.16 -6.67 -23.47
CA LEU E 147 -41.73 -5.88 -24.55
C LEU E 147 -41.74 -6.68 -25.84
N ARG E 148 -42.86 -6.62 -26.55
CA ARG E 148 -42.90 -7.15 -27.90
C ARG E 148 -42.57 -5.99 -28.84
N LEU E 149 -41.45 -6.11 -29.54
CA LEU E 149 -40.96 -5.02 -30.39
C LEU E 149 -41.78 -4.91 -31.68
N ARG E 150 -41.91 -3.69 -32.19
CA ARG E 150 -42.54 -3.47 -33.49
C ARG E 150 -41.51 -3.64 -34.61
N MET F 5 -42.12 -1.46 17.45
CA MET F 5 -41.14 -0.76 16.63
C MET F 5 -40.77 -1.55 15.36
N PRO F 6 -41.32 -1.13 14.21
CA PRO F 6 -41.07 -1.91 13.00
C PRO F 6 -39.67 -1.65 12.43
N VAL F 7 -39.07 -2.66 11.84
CA VAL F 7 -37.79 -2.51 11.18
C VAL F 7 -38.03 -2.48 9.70
N GLY F 8 -37.38 -1.57 8.99
CA GLY F 8 -37.55 -1.55 7.54
C GLY F 8 -37.49 -0.17 6.98
N TRP F 9 -38.05 0.00 5.78
CA TRP F 9 -38.01 1.29 5.11
C TRP F 9 -39.31 2.04 5.23
N GLN F 10 -39.23 3.28 5.72
CA GLN F 10 -40.41 4.13 5.75
C GLN F 10 -40.76 4.57 4.33
N CYS F 11 -42.01 4.38 3.96
CA CYS F 11 -42.52 4.97 2.73
C CYS F 11 -42.70 6.47 2.95
N PRO F 12 -42.02 7.30 2.16
CA PRO F 12 -42.13 8.73 2.46
C PRO F 12 -43.48 9.30 2.06
N GLY F 13 -44.27 8.51 1.33
CA GLY F 13 -45.58 8.90 0.90
C GLY F 13 -46.65 8.70 1.95
N CYS F 14 -46.74 7.50 2.50
CA CYS F 14 -47.78 7.21 3.50
C CYS F 14 -47.26 6.99 4.94
N THR F 15 -45.93 6.92 5.07
CA THR F 15 -45.21 6.67 6.34
C THR F 15 -45.22 5.23 6.88
N PHE F 16 -45.86 4.31 6.18
CA PHE F 16 -45.81 2.90 6.60
C PHE F 16 -44.37 2.39 6.52
N ILE F 17 -43.96 1.60 7.51
CA ILE F 17 -42.63 1.01 7.51
C ILE F 17 -42.69 -0.41 6.93
N ASN F 18 -42.00 -0.57 5.81
CA ASN F 18 -42.05 -1.80 5.04
C ASN F 18 -40.91 -2.76 5.33
N LYS F 19 -41.15 -4.05 5.14
CA LYS F 19 -40.07 -5.04 5.17
C LYS F 19 -38.94 -4.64 4.22
N PRO F 20 -37.68 -4.75 4.66
CA PRO F 20 -36.57 -4.30 3.82
C PRO F 20 -36.62 -4.88 2.41
N THR F 21 -37.04 -6.14 2.30
CA THR F 21 -36.96 -6.87 1.05
C THR F 21 -38.17 -6.68 0.13
N ARG F 22 -39.17 -5.94 0.59
CA ARG F 22 -40.32 -5.59 -0.27
C ARG F 22 -39.99 -4.43 -1.20
N PRO F 23 -40.19 -4.61 -2.51
CA PRO F 23 -39.77 -3.58 -3.47
C PRO F 23 -40.76 -2.44 -3.67
N GLY F 24 -41.93 -2.55 -3.08
CA GLY F 24 -42.93 -1.48 -3.12
C GLY F 24 -43.72 -1.46 -1.83
N CYS F 25 -44.35 -0.32 -1.56
CA CYS F 25 -45.04 -0.12 -0.28
C CYS F 25 -46.27 -1.00 -0.16
N GLU F 26 -46.34 -1.73 0.95
CA GLU F 26 -47.46 -2.61 1.27
C GLU F 26 -48.80 -1.89 1.36
N MET F 27 -48.78 -0.61 1.74
CA MET F 27 -50.00 0.19 1.80
C MET F 27 -50.36 0.89 0.49
N CYS F 28 -49.39 1.61 -0.12
CA CYS F 28 -49.73 2.53 -1.20
C CYS F 28 -49.04 2.26 -2.54
N CYS F 29 -48.26 1.19 -2.60
CA CYS F 29 -47.61 0.74 -3.85
C CYS F 29 -46.39 1.55 -4.31
N ARG F 30 -46.06 2.64 -3.64
CA ARG F 30 -44.89 3.43 -4.03
C ARG F 30 -43.62 2.58 -3.97
N ALA F 31 -42.72 2.77 -4.93
CA ALA F 31 -41.47 2.02 -4.94
C ALA F 31 -40.58 2.28 -3.72
N ARG F 32 -39.84 1.26 -3.28
CA ARG F 32 -38.85 1.43 -2.21
C ARG F 32 -37.78 2.44 -2.67
N PRO F 33 -37.42 3.38 -1.78
CA PRO F 33 -36.43 4.41 -2.13
C PRO F 33 -35.14 3.75 -2.60
N GLU F 34 -34.53 4.26 -3.66
CA GLU F 34 -33.33 3.65 -4.19
C GLU F 34 -32.11 3.77 -3.26
N THR F 35 -32.12 4.75 -2.37
CA THR F 35 -30.98 4.93 -1.47
C THR F 35 -31.05 3.99 -0.27
N TYR F 36 -32.21 3.37 -0.04
CA TYR F 36 -32.32 2.42 1.06
C TYR F 36 -31.57 1.12 0.77
N GLN F 37 -30.78 0.66 1.73
CA GLN F 37 -30.01 -0.57 1.58
C GLN F 37 -30.59 -1.66 2.48
N ILE F 38 -30.90 -2.81 1.90
CA ILE F 38 -31.33 -3.94 2.69
C ILE F 38 -30.20 -4.40 3.62
N PRO F 39 -30.43 -4.38 4.93
CA PRO F 39 -29.37 -4.82 5.87
C PRO F 39 -29.03 -6.29 5.71
N ALA F 40 -27.74 -6.58 5.62
CA ALA F 40 -27.25 -7.96 5.56
C ALA F 40 -27.76 -8.71 6.80
N SER F 41 -28.03 -7.97 7.86
CA SER F 41 -28.40 -8.58 9.12
C SER F 41 -29.91 -8.68 9.33
N TYR F 42 -30.69 -8.32 8.32
CA TYR F 42 -32.15 -8.47 8.39
C TYR F 42 -32.52 -9.94 8.45
N GLN F 43 -33.43 -10.29 9.36
CA GLN F 43 -33.90 -11.67 9.47
C GLN F 43 -35.40 -11.69 9.19
N PRO F 44 -35.78 -12.12 7.96
CA PRO F 44 -37.18 -11.97 7.56
C PRO F 44 -38.14 -12.84 8.36
N ASP F 45 -39.38 -12.38 8.49
CA ASP F 45 -40.43 -13.15 9.14
C ASP F 45 -40.79 -14.36 8.28
N GLU F 46 -41.61 -15.25 8.82
CA GLU F 46 -41.90 -16.51 8.14
C GLU F 46 -42.52 -16.30 6.75
N GLU F 47 -43.43 -15.35 6.65
CA GLU F 47 -44.14 -15.12 5.40
C GLU F 47 -43.20 -14.55 4.35
N GLU F 48 -42.39 -13.57 4.74
CA GLU F 48 -41.49 -12.93 3.79
C GLU F 48 -40.35 -13.88 3.39
N ARG F 49 -39.84 -14.64 4.35
CA ARG F 49 -38.84 -15.66 4.00
C ARG F 49 -39.40 -16.62 2.94
N ALA F 50 -40.66 -17.01 3.10
CA ALA F 50 -41.28 -17.93 2.15
C ALA F 50 -41.45 -17.27 0.78
N ARG F 51 -41.83 -16.00 0.78
CA ARG F 51 -41.96 -15.28 -0.50
C ARG F 51 -40.62 -15.28 -1.21
N LEU F 52 -39.57 -14.93 -0.48
CA LEU F 52 -38.23 -14.89 -1.07
C LEU F 52 -37.78 -16.25 -1.56
N ALA F 53 -38.13 -17.31 -0.84
CA ALA F 53 -37.77 -18.66 -1.24
C ALA F 53 -38.51 -19.03 -2.53
N GLY F 54 -39.73 -18.52 -2.68
CA GLY F 54 -40.49 -18.76 -3.89
C GLY F 54 -39.86 -18.10 -5.11
N GLU F 55 -39.27 -16.92 -4.90
CA GLU F 55 -38.59 -16.22 -5.98
C GLU F 55 -37.31 -16.96 -6.38
N GLU F 56 -36.63 -17.52 -5.39
CA GLU F 56 -35.43 -18.29 -5.64
C GLU F 56 -35.77 -19.57 -6.41
N GLU F 57 -36.87 -20.20 -6.02
CA GLU F 57 -37.33 -21.41 -6.69
C GLU F 57 -37.74 -21.16 -8.14
N ALA F 58 -38.43 -20.04 -8.38
CA ALA F 58 -38.84 -19.68 -9.74
C ALA F 58 -37.61 -19.47 -10.61
N LEU F 59 -36.58 -18.91 -10.02
CA LEU F 59 -35.32 -18.66 -10.69
C LEU F 59 -34.71 -20.00 -11.11
N ARG F 60 -34.65 -20.92 -10.16
CA ARG F 60 -34.00 -22.21 -10.40
C ARG F 60 -34.84 -23.09 -11.31
N GLN F 61 -36.15 -22.93 -11.25
CA GLN F 61 -37.08 -23.77 -12.02
C GLN F 61 -37.28 -23.30 -13.46
N TYR F 62 -37.45 -22.00 -13.65
CA TYR F 62 -37.87 -21.47 -14.95
C TYR F 62 -36.80 -20.59 -15.61
N GLN F 63 -36.06 -19.85 -14.79
CA GLN F 63 -35.05 -18.91 -15.29
C GLN F 63 -33.65 -19.52 -15.24
N MET G 1 10.03 13.84 41.74
CA MET G 1 11.29 14.34 41.25
C MET G 1 11.30 14.43 39.72
N GLN G 2 12.12 15.33 39.20
CA GLN G 2 12.21 15.55 37.77
C GLN G 2 13.29 14.64 37.19
N ILE G 3 13.02 14.02 36.05
CA ILE G 3 14.08 13.41 35.24
C ILE G 3 13.93 13.84 33.79
N PHE G 4 14.98 13.65 33.01
CA PHE G 4 15.00 14.11 31.64
C PHE G 4 15.23 12.94 30.72
N VAL G 5 14.60 12.97 29.55
CA VAL G 5 14.77 11.88 28.59
C VAL G 5 15.19 12.49 27.26
N LYS G 6 16.42 12.22 26.84
CA LYS G 6 16.96 12.79 25.61
C LYS G 6 16.75 11.82 24.46
N THR G 7 16.24 12.31 23.34
CA THR G 7 16.04 11.46 22.18
C THR G 7 17.16 11.71 21.16
N LEU G 8 17.20 10.88 20.11
CA LEU G 8 18.19 11.03 19.05
C LEU G 8 17.76 12.10 18.04
N THR G 9 16.53 12.59 18.16
CA THR G 9 15.99 13.60 17.24
C THR G 9 16.16 15.02 17.76
N GLY G 10 16.95 15.18 18.82
CA GLY G 10 17.28 16.50 19.33
C GLY G 10 16.30 17.05 20.36
N LYS G 11 15.47 16.17 20.92
CA LYS G 11 14.42 16.59 21.86
C LYS G 11 14.70 16.10 23.27
N THR G 12 14.32 16.91 24.26
CA THR G 12 14.46 16.53 25.65
C THR G 12 13.11 16.61 26.34
N ILE G 13 12.67 15.46 26.84
CA ILE G 13 11.38 15.31 27.49
C ILE G 13 11.59 15.42 28.98
N THR G 14 10.77 16.21 29.66
CA THR G 14 10.85 16.30 31.12
C THR G 14 9.71 15.52 31.78
N LEU G 15 10.05 14.59 32.67
CA LEU G 15 9.03 13.81 33.36
C LEU G 15 9.07 14.05 34.85
N GLU G 16 7.90 13.96 35.48
CA GLU G 16 7.82 13.96 36.93
C GLU G 16 7.62 12.52 37.37
N VAL G 17 8.56 11.99 38.14
CA VAL G 17 8.51 10.59 38.55
C VAL G 17 8.83 10.42 40.02
N GLU G 18 8.69 9.20 40.52
CA GLU G 18 9.19 8.84 41.85
C GLU G 18 10.21 7.71 41.67
N PRO G 19 11.19 7.62 42.57
CA PRO G 19 12.23 6.59 42.41
C PRO G 19 11.65 5.18 42.35
N SER G 20 10.47 4.99 42.93
CA SER G 20 9.83 3.69 42.92
C SER G 20 9.13 3.36 41.62
N ASP G 21 9.07 4.31 40.68
CA ASP G 21 8.41 4.05 39.41
C ASP G 21 9.16 2.98 38.63
N THR G 22 8.40 2.06 38.03
CA THR G 22 8.99 1.06 37.16
C THR G 22 9.36 1.69 35.83
N ILE G 23 10.29 1.05 35.13
CA ILE G 23 10.65 1.47 33.79
C ILE G 23 9.39 1.41 32.90
N GLU G 24 8.56 0.41 33.14
CA GLU G 24 7.28 0.27 32.45
C GLU G 24 6.43 1.52 32.63
N ASN G 25 6.30 1.98 33.87
CA ASN G 25 5.60 3.23 34.17
C ASN G 25 6.17 4.42 33.43
N VAL G 26 7.50 4.51 33.37
CA VAL G 26 8.17 5.63 32.72
C VAL G 26 7.87 5.62 31.23
N LYS G 27 7.90 4.44 30.62
CA LYS G 27 7.58 4.36 29.20
C LYS G 27 6.13 4.77 28.91
N ALA G 28 5.22 4.46 29.83
CA ALA G 28 3.84 4.91 29.71
C ALA G 28 3.75 6.44 29.68
N LYS G 29 4.55 7.09 30.51
CA LYS G 29 4.57 8.55 30.58
C LYS G 29 5.09 9.16 29.29
N ILE G 30 6.12 8.52 28.73
CA ILE G 30 6.70 8.96 27.48
C ILE G 30 5.67 8.80 26.36
N GLN G 31 4.90 7.71 26.39
CA GLN G 31 3.85 7.51 25.41
C GLN G 31 2.82 8.63 25.49
N ASP G 32 2.45 8.99 26.70
CA ASP G 32 1.48 10.04 26.88
C ASP G 32 1.97 11.36 26.28
N LYS G 33 3.26 11.64 26.44
CA LYS G 33 3.80 12.91 25.99
C LYS G 33 4.16 12.95 24.51
N GLU G 34 4.59 11.83 23.96
CA GLU G 34 5.11 11.80 22.61
C GLU G 34 4.35 10.87 21.66
N GLY G 35 3.47 10.03 22.21
CA GLY G 35 2.71 9.09 21.42
C GLY G 35 3.49 7.88 20.92
N ILE G 36 4.65 7.62 21.52
CA ILE G 36 5.47 6.47 21.16
C ILE G 36 5.05 5.25 21.98
N PRO G 37 4.66 4.16 21.31
CA PRO G 37 4.27 2.96 22.07
C PRO G 37 5.44 2.45 22.90
N PRO G 38 5.17 2.00 24.14
CA PRO G 38 6.26 1.52 25.01
C PRO G 38 7.07 0.38 24.39
N ASP G 39 6.44 -0.48 23.58
CA ASP G 39 7.19 -1.59 22.99
C ASP G 39 8.17 -1.14 21.92
N GLN G 40 8.10 0.13 21.52
CA GLN G 40 9.05 0.68 20.58
C GLN G 40 10.16 1.48 21.28
N GLN G 41 10.08 1.57 22.61
CA GLN G 41 11.05 2.38 23.34
C GLN G 41 12.19 1.57 23.94
N ARG G 42 13.41 2.05 23.77
CA ARG G 42 14.56 1.51 24.48
CA ARG G 42 14.55 1.51 24.50
C ARG G 42 15.12 2.64 25.35
N LEU G 43 15.17 2.43 26.66
CA LEU G 43 15.71 3.45 27.55
C LEU G 43 17.09 3.04 28.03
N ILE G 44 17.98 4.02 28.11
CA ILE G 44 19.39 3.79 28.45
C ILE G 44 19.81 4.72 29.57
N PHE G 45 20.45 4.16 30.58
CA PHE G 45 21.05 4.97 31.63
C PHE G 45 22.32 4.30 32.07
N ALA G 46 23.34 5.10 32.35
CA ALA G 46 24.63 4.55 32.79
C ALA G 46 25.14 3.47 31.82
N GLY G 47 24.82 3.65 30.54
CA GLY G 47 25.33 2.76 29.51
C GLY G 47 24.58 1.44 29.41
N LYS G 48 23.50 1.32 30.18
CA LYS G 48 22.75 0.06 30.23
C LYS G 48 21.33 0.25 29.69
N GLN G 49 20.81 -0.82 29.10
CA GLN G 49 19.43 -0.83 28.64
C GLN G 49 18.54 -1.19 29.84
N LEU G 50 17.57 -0.33 30.13
CA LEU G 50 16.76 -0.48 31.35
C LEU G 50 15.64 -1.50 31.16
N GLU G 51 15.49 -2.39 32.14
CA GLU G 51 14.50 -3.48 32.05
C GLU G 51 13.15 -3.07 32.61
N ASP G 52 12.08 -3.40 31.88
CA ASP G 52 10.73 -2.91 32.18
C ASP G 52 10.23 -3.10 33.62
N GLY G 53 10.50 -4.25 34.20
CA GLY G 53 9.97 -4.57 35.51
C GLY G 53 10.75 -4.01 36.69
N ARG G 54 11.89 -3.41 36.42
CA ARG G 54 12.71 -2.84 37.48
C ARG G 54 12.30 -1.40 37.71
N THR G 55 12.80 -0.79 38.78
CA THR G 55 12.46 0.60 39.09
C THR G 55 13.62 1.52 38.79
N LEU G 56 13.33 2.83 38.78
CA LEU G 56 14.39 3.83 38.63
C LEU G 56 15.42 3.66 39.74
N SER G 57 14.95 3.42 40.96
CA SER G 57 15.86 3.27 42.10
C SER G 57 16.80 2.07 41.95
N ASP G 58 16.33 1.02 41.26
CA ASP G 58 17.17 -0.16 41.04
C ASP G 58 18.42 0.20 40.25
N TYR G 59 18.34 1.26 39.47
CA TYR G 59 19.43 1.70 38.61
C TYR G 59 20.13 2.92 39.19
N ASN G 60 19.74 3.28 40.41
CA ASN G 60 20.30 4.46 41.06
C ASN G 60 20.06 5.73 40.27
N ILE G 61 18.92 5.81 39.61
CA ILE G 61 18.53 7.02 38.92
C ILE G 61 17.99 8.01 39.93
N GLN G 62 18.64 9.17 40.00
CA GLN G 62 18.31 10.19 40.98
C GLN G 62 17.66 11.41 40.35
N LYS G 63 17.27 12.36 41.19
CA LYS G 63 16.68 13.60 40.73
C LYS G 63 17.56 14.25 39.65
N GLU G 64 16.93 14.69 38.56
CA GLU G 64 17.59 15.46 37.50
C GLU G 64 18.57 14.63 36.66
N SER G 65 18.42 13.30 36.71
CA SER G 65 19.18 12.40 35.85
C SER G 65 18.68 12.49 34.41
N THR G 66 19.53 12.11 33.47
CA THR G 66 19.14 12.04 32.06
C THR G 66 19.17 10.61 31.55
N LEU G 67 18.06 10.16 30.98
CA LEU G 67 17.97 8.87 30.31
C LEU G 67 18.02 9.14 28.82
N HIS G 68 18.48 8.16 28.04
CA HIS G 68 18.48 8.30 26.60
C HIS G 68 17.46 7.35 25.99
N LEU G 69 16.70 7.85 25.02
CA LEU G 69 15.64 7.07 24.39
C LEU G 69 16.00 6.79 22.93
N VAL G 70 15.90 5.51 22.55
CA VAL G 70 16.12 5.11 21.16
C VAL G 70 14.84 4.41 20.71
N LEU G 71 14.38 4.70 19.50
CA LEU G 71 13.18 4.02 19.00
C LEU G 71 13.56 2.81 18.14
N ARG G 72 12.86 1.71 18.37
CA ARG G 72 13.11 0.49 17.59
C ARG G 72 11.78 -0.15 17.21
N LEU G 73 11.83 -1.11 16.28
CA LEU G 73 10.66 -1.90 15.98
C LEU G 73 10.27 -2.69 17.20
N ARG G 74 8.98 -3.04 17.29
CA ARG G 74 8.47 -3.88 18.36
C ARG G 74 9.24 -5.20 18.39
N GLY G 75 9.49 -5.74 17.20
CA GLY G 75 10.18 -7.02 17.06
C GLY G 75 11.41 -6.83 16.18
N GLY G 76 11.52 -7.64 15.13
CA GLY G 76 12.61 -7.47 14.20
C GLY G 76 13.96 -7.82 14.81
N MET G 77 15.03 -7.55 14.07
CA MET G 77 16.36 -7.94 14.50
C MET G 77 17.39 -7.05 13.82
N GLN G 78 18.64 -7.14 14.27
CA GLN G 78 19.73 -6.48 13.60
C GLN G 78 20.51 -7.46 12.76
N ILE G 79 20.97 -7.00 11.60
CA ILE G 79 22.00 -7.74 10.86
C ILE G 79 23.17 -6.81 10.52
N PHE G 80 24.30 -7.40 10.20
CA PHE G 80 25.48 -6.65 9.80
C PHE G 80 25.72 -6.85 8.31
N VAL G 81 26.10 -5.79 7.62
CA VAL G 81 26.52 -5.92 6.22
C VAL G 81 27.95 -5.44 6.09
N LYS G 82 28.83 -6.34 5.66
CA LYS G 82 30.25 -6.04 5.57
C LYS G 82 30.61 -5.83 4.11
N THR G 83 31.27 -4.71 3.81
CA THR G 83 31.72 -4.44 2.46
C THR G 83 33.18 -4.88 2.28
N LEU G 84 33.62 -4.98 1.03
CA LEU G 84 35.04 -5.26 0.76
C LEU G 84 35.98 -4.13 1.17
N THR G 85 35.44 -2.94 1.45
CA THR G 85 36.26 -1.83 1.94
C THR G 85 36.49 -1.91 3.45
N GLY G 86 35.81 -2.86 4.07
CA GLY G 86 35.98 -3.08 5.49
C GLY G 86 35.00 -2.30 6.34
N LYS G 87 34.11 -1.58 5.67
CA LYS G 87 33.04 -0.88 6.40
C LYS G 87 31.96 -1.88 6.76
N THR G 88 31.47 -1.82 7.99
CA THR G 88 30.32 -2.62 8.38
C THR G 88 29.14 -1.70 8.67
N ILE G 89 28.02 -1.96 8.02
CA ILE G 89 26.85 -1.20 8.33
C ILE G 89 25.92 -2.12 9.09
N THR G 90 25.20 -1.55 10.05
CA THR G 90 24.30 -2.31 10.88
C THR G 90 22.90 -1.87 10.53
N LEU G 91 22.00 -2.84 10.30
CA LEU G 91 20.64 -2.55 9.85
C LEU G 91 19.61 -3.20 10.76
N GLU G 92 18.50 -2.50 11.00
CA GLU G 92 17.35 -3.11 11.67
C GLU G 92 16.41 -3.64 10.61
N VAL G 93 16.12 -4.94 10.65
CA VAL G 93 15.29 -5.58 9.61
C VAL G 93 14.26 -6.53 10.22
N GLU G 94 13.33 -6.99 9.38
CA GLU G 94 12.42 -8.09 9.77
C GLU G 94 12.83 -9.31 8.95
N PRO G 95 12.62 -10.51 9.49
CA PRO G 95 12.91 -11.75 8.73
C PRO G 95 12.10 -11.87 7.43
N SER G 96 10.91 -11.27 7.39
CA SER G 96 10.05 -11.27 6.20
C SER G 96 10.51 -10.28 5.12
N ASP G 97 11.51 -9.45 5.43
CA ASP G 97 12.04 -8.47 4.47
C ASP G 97 12.68 -9.18 3.29
N THR G 98 12.39 -8.69 2.08
CA THR G 98 13.01 -9.27 0.90
C THR G 98 14.43 -8.73 0.74
N ILE G 99 15.25 -9.44 -0.02
CA ILE G 99 16.59 -8.97 -0.31
C ILE G 99 16.53 -7.59 -0.96
N GLU G 100 15.51 -7.37 -1.79
CA GLU G 100 15.24 -6.08 -2.41
C GLU G 100 15.10 -4.99 -1.36
N ASN G 101 14.31 -5.30 -0.33
CA ASN G 101 14.09 -4.37 0.79
C ASN G 101 15.40 -4.01 1.47
N VAL G 102 16.23 -5.02 1.70
CA VAL G 102 17.51 -4.83 2.37
C VAL G 102 18.42 -3.96 1.52
N LYS G 103 18.45 -4.21 0.22
CA LYS G 103 19.25 -3.37 -0.68
C LYS G 103 18.80 -1.90 -0.65
N ALA G 104 17.50 -1.65 -0.49
CA ALA G 104 17.03 -0.28 -0.40
C ALA G 104 17.56 0.39 0.86
N LYS G 105 17.62 -0.36 1.95
CA LYS G 105 18.21 0.15 3.18
C LYS G 105 19.69 0.46 3.01
N ILE G 106 20.39 -0.42 2.30
CA ILE G 106 21.81 -0.22 2.05
C ILE G 106 22.05 1.01 1.20
N GLN G 107 21.17 1.25 0.23
CA GLN G 107 21.27 2.44 -0.59
C GLN G 107 21.14 3.69 0.27
N ASP G 108 20.22 3.68 1.22
CA ASP G 108 20.01 4.85 2.09
C ASP G 108 21.27 5.20 2.86
N LYS G 109 22.07 4.19 3.19
CA LYS G 109 23.27 4.40 3.99
C LYS G 109 24.53 4.61 3.17
N GLU G 110 24.67 3.87 2.08
CA GLU G 110 25.92 3.85 1.32
C GLU G 110 25.85 4.46 -0.08
N GLY G 111 24.63 4.71 -0.56
CA GLY G 111 24.45 5.37 -1.84
C GLY G 111 24.67 4.49 -3.05
N ILE G 112 24.57 3.17 -2.87
CA ILE G 112 24.73 2.25 -3.98
C ILE G 112 23.36 1.81 -4.49
N PRO G 113 23.09 2.02 -5.79
CA PRO G 113 21.83 1.54 -6.37
C PRO G 113 21.69 0.03 -6.16
N PRO G 114 20.49 -0.44 -5.77
CA PRO G 114 20.29 -1.86 -5.51
C PRO G 114 20.69 -2.74 -6.70
N ASP G 115 20.47 -2.23 -7.92
CA ASP G 115 20.84 -2.98 -9.11
C ASP G 115 22.34 -3.24 -9.22
N GLN G 116 23.14 -2.52 -8.44
CA GLN G 116 24.59 -2.69 -8.46
C GLN G 116 25.11 -3.37 -7.21
N GLN G 117 24.21 -3.80 -6.35
CA GLN G 117 24.61 -4.51 -5.14
C GLN G 117 24.48 -6.01 -5.35
N ARG G 118 25.45 -6.75 -4.84
CA ARG G 118 25.30 -8.18 -4.70
C ARG G 118 25.53 -8.52 -3.25
N LEU G 119 24.61 -9.29 -2.68
CA LEU G 119 24.71 -9.73 -1.30
C LEU G 119 25.04 -11.20 -1.29
N ILE G 120 25.99 -11.59 -0.45
CA ILE G 120 26.45 -12.96 -0.38
C ILE G 120 26.35 -13.43 1.07
N PHE G 121 25.82 -14.64 1.25
CA PHE G 121 25.69 -15.26 2.56
C PHE G 121 25.85 -16.77 2.43
N ALA G 122 26.62 -17.36 3.33
CA ALA G 122 26.90 -18.79 3.29
C ALA G 122 27.40 -19.22 1.91
N GLY G 123 28.26 -18.38 1.33
CA GLY G 123 28.92 -18.71 0.08
C GLY G 123 28.08 -18.53 -1.18
N LYS G 124 26.85 -18.05 -1.01
CA LYS G 124 25.92 -17.92 -2.14
C LYS G 124 25.40 -16.50 -2.33
N GLN G 125 25.19 -16.12 -3.58
CA GLN G 125 24.60 -14.81 -3.89
C GLN G 125 23.09 -14.88 -3.71
N LEU G 126 22.53 -13.87 -3.04
CA LEU G 126 21.11 -13.86 -2.66
C LEU G 126 20.25 -13.25 -3.77
N GLU G 127 19.03 -13.78 -3.95
CA GLU G 127 18.13 -13.30 -5.00
C GLU G 127 17.18 -12.24 -4.48
N ASP G 128 16.98 -11.18 -5.26
CA ASP G 128 16.21 -10.01 -4.82
C ASP G 128 14.82 -10.33 -4.25
N GLY G 129 14.14 -11.30 -4.84
CA GLY G 129 12.76 -11.55 -4.47
C GLY G 129 12.53 -12.48 -3.29
N ARG G 130 13.59 -13.10 -2.79
CA ARG G 130 13.45 -13.99 -1.64
C ARG G 130 13.60 -13.18 -0.35
N THR G 131 13.28 -13.80 0.80
CA THR G 131 13.38 -13.09 2.06
C THR G 131 14.61 -13.52 2.88
N LEU G 132 14.93 -12.75 3.91
CA LEU G 132 15.99 -13.14 4.83
C LEU G 132 15.71 -14.51 5.42
N SER G 133 14.45 -14.75 5.76
CA SER G 133 14.02 -16.01 6.34
C SER G 133 14.23 -17.16 5.36
N ASP G 134 14.04 -16.91 4.07
CA ASP G 134 14.25 -17.94 3.07
C ASP G 134 15.68 -18.46 3.12
N TYR G 135 16.63 -17.58 3.45
CA TYR G 135 18.04 -17.94 3.48
C TYR G 135 18.55 -18.28 4.87
N ASN G 136 17.63 -18.40 5.82
CA ASN G 136 17.99 -18.66 7.21
C ASN G 136 18.96 -17.64 7.78
N ILE G 137 18.78 -16.39 7.38
CA ILE G 137 19.52 -15.27 7.94
C ILE G 137 18.85 -14.85 9.24
N GLN G 138 19.51 -15.15 10.35
CA GLN G 138 18.94 -14.90 11.67
C GLN G 138 19.59 -13.71 12.37
N LYS G 139 19.18 -13.43 13.59
CA LYS G 139 19.67 -12.23 14.28
C LYS G 139 21.19 -12.19 14.34
N GLU G 140 21.72 -10.98 14.12
CA GLU G 140 23.16 -10.68 14.16
C GLU G 140 24.01 -11.42 13.13
N SER G 141 23.36 -11.99 12.10
CA SER G 141 24.09 -12.53 10.95
C SER G 141 24.86 -11.42 10.23
N THR G 142 25.91 -11.81 9.53
CA THR G 142 26.66 -10.89 8.68
C THR G 142 26.52 -11.29 7.21
N LEU G 143 26.09 -10.32 6.40
CA LEU G 143 26.02 -10.50 4.96
C LEU G 143 27.19 -9.76 4.36
N HIS G 144 27.65 -10.21 3.19
CA HIS G 144 28.75 -9.53 2.51
C HIS G 144 28.20 -8.80 1.31
N LEU G 145 28.57 -7.53 1.21
CA LEU G 145 28.16 -6.69 0.09
C LEU G 145 29.32 -6.54 -0.88
N VAL G 146 29.09 -6.93 -2.12
CA VAL G 146 30.07 -6.72 -3.17
C VAL G 146 29.41 -5.86 -4.24
N LEU G 147 30.15 -4.91 -4.78
CA LEU G 147 29.60 -4.03 -5.79
C LEU G 147 29.81 -4.63 -7.16
N ARG G 148 28.80 -4.51 -8.03
CA ARG G 148 28.99 -4.84 -9.43
C ARG G 148 29.44 -3.56 -10.13
N LEU G 149 30.75 -3.43 -10.28
CA LEU G 149 31.36 -2.20 -10.81
C LEU G 149 31.55 -2.24 -12.32
N HIS H 4 30.66 2.23 32.13
CA HIS H 4 31.40 2.13 33.38
C HIS H 4 31.45 0.67 33.85
N MET H 5 30.45 0.24 34.62
CA MET H 5 30.42 -1.14 35.07
C MET H 5 30.31 -2.11 33.87
N PRO H 6 29.54 -1.75 32.84
CA PRO H 6 29.69 -2.60 31.66
C PRO H 6 31.02 -2.25 31.01
N VAL H 7 31.69 -3.25 30.45
CA VAL H 7 32.93 -3.02 29.73
C VAL H 7 32.66 -3.08 28.25
N GLY H 8 33.12 -2.06 27.54
CA GLY H 8 32.92 -2.03 26.11
C GLY H 8 32.99 -0.62 25.57
N TRP H 9 32.47 -0.45 24.36
CA TRP H 9 32.51 0.84 23.72
C TRP H 9 31.22 1.62 23.88
N GLN H 10 31.35 2.83 24.37
CA GLN H 10 30.17 3.70 24.47
C GLN H 10 29.79 4.19 23.09
N CYS H 11 28.51 4.02 22.74
CA CYS H 11 28.00 4.64 21.51
C CYS H 11 27.89 6.15 21.75
N PRO H 12 28.59 6.95 20.95
CA PRO H 12 28.51 8.39 21.22
C PRO H 12 27.13 8.97 20.90
N GLY H 13 26.33 8.23 20.14
CA GLY H 13 24.99 8.66 19.78
C GLY H 13 23.97 8.48 20.88
N CYS H 14 23.89 7.26 21.42
CA CYS H 14 22.85 6.94 22.39
C CYS H 14 23.37 6.65 23.80
N THR H 15 24.69 6.57 23.93
CA THR H 15 25.39 6.28 25.19
C THR H 15 25.35 4.82 25.69
N PHE H 16 24.72 3.93 24.94
CA PHE H 16 24.74 2.51 25.32
C PHE H 16 26.18 1.99 25.27
N ILE H 17 26.56 1.18 26.25
CA ILE H 17 27.89 0.54 26.22
C ILE H 17 27.79 -0.84 25.59
N ASN H 18 28.44 -0.97 24.45
CA ASN H 18 28.35 -2.17 23.61
C ASN H 18 29.44 -3.19 23.88
N LYS H 19 29.14 -4.47 23.62
CA LYS H 19 30.17 -5.51 23.59
C LYS H 19 31.31 -5.06 22.70
N PRO H 20 32.55 -5.21 23.18
CA PRO H 20 33.70 -4.75 22.39
C PRO H 20 33.68 -5.28 20.96
N THR H 21 33.23 -6.51 20.79
CA THR H 21 33.29 -7.17 19.48
C THR H 21 32.13 -6.85 18.52
N ARG H 22 31.13 -6.10 18.97
CA ARG H 22 30.01 -5.73 18.09
C ARG H 22 30.41 -4.55 17.20
N PRO H 23 30.25 -4.67 15.87
CA PRO H 23 30.68 -3.61 14.96
C PRO H 23 29.73 -2.42 14.82
N GLY H 24 28.53 -2.55 15.37
CA GLY H 24 27.54 -1.47 15.35
C GLY H 24 26.73 -1.53 16.63
N CYS H 25 26.09 -0.41 16.97
CA CYS H 25 25.44 -0.27 18.27
C CYS H 25 24.20 -1.15 18.36
N GLU H 26 24.14 -1.91 19.44
CA GLU H 26 23.05 -2.81 19.71
C GLU H 26 21.71 -2.08 19.89
N MET H 27 21.76 -0.83 20.33
CA MET H 27 20.55 -0.02 20.45
C MET H 27 20.16 0.74 19.19
N CYS H 28 21.10 1.48 18.61
CA CYS H 28 20.76 2.45 17.57
C CYS H 28 21.42 2.25 16.19
N CYS H 29 22.20 1.17 16.06
CA CYS H 29 22.86 0.81 14.78
C CYS H 29 24.10 1.63 14.36
N ARG H 30 24.47 2.64 15.13
CA ARG H 30 25.63 3.47 14.79
C ARG H 30 26.94 2.65 14.80
N ALA H 31 27.87 2.96 13.90
CA ALA H 31 29.10 2.16 13.83
C ALA H 31 29.99 2.35 15.07
N ARG H 32 30.73 1.30 15.41
CA ARG H 32 31.72 1.37 16.49
C ARG H 32 32.81 2.38 16.12
N PRO H 33 33.22 3.21 17.10
CA PRO H 33 34.29 4.18 16.85
C PRO H 33 35.54 3.51 16.36
N GLU H 34 36.17 4.06 15.31
CA GLU H 34 37.31 3.41 14.69
C GLU H 34 38.53 3.24 15.59
N THR H 35 38.69 4.13 16.56
CA THR H 35 39.88 4.10 17.40
C THR H 35 39.74 3.17 18.60
N TYR H 36 38.51 2.73 18.90
CA TYR H 36 38.30 1.83 20.02
C TYR H 36 39.03 0.49 19.83
N GLN H 37 39.74 0.04 20.87
CA GLN H 37 40.43 -1.25 20.80
C GLN H 37 39.76 -2.31 21.66
N ILE H 38 39.51 -3.47 21.05
CA ILE H 38 38.95 -4.60 21.77
C ILE H 38 39.95 -5.09 22.80
N PRO H 39 39.55 -5.12 24.09
CA PRO H 39 40.46 -5.62 25.11
C PRO H 39 40.67 -7.12 24.93
N ALA H 40 41.92 -7.55 24.90
CA ALA H 40 42.21 -8.98 24.68
C ALA H 40 41.73 -9.86 25.83
N SER H 41 41.39 -9.23 26.96
CA SER H 41 40.90 -9.95 28.14
C SER H 41 39.38 -10.11 28.12
N TYR H 42 38.73 -9.47 27.16
CA TYR H 42 37.28 -9.57 27.05
C TYR H 42 36.84 -11.01 26.87
N GLN H 43 35.89 -11.46 27.69
CA GLN H 43 35.32 -12.79 27.57
C GLN H 43 33.85 -12.63 27.21
N PRO H 44 33.52 -12.85 25.95
CA PRO H 44 32.15 -12.68 25.43
C PRO H 44 31.15 -13.60 26.12
N ASP H 45 29.90 -13.16 26.23
CA ASP H 45 28.82 -14.03 26.71
C ASP H 45 28.64 -15.16 25.68
N GLU H 46 27.93 -16.22 26.05
CA GLU H 46 27.86 -17.41 25.19
C GLU H 46 27.30 -17.14 23.78
N GLU H 47 26.29 -16.28 23.69
CA GLU H 47 25.70 -15.96 22.39
C GLU H 47 26.69 -15.23 21.48
N GLU H 48 27.42 -14.27 22.04
CA GLU H 48 28.38 -13.52 21.23
C GLU H 48 29.57 -14.43 20.89
N ARG H 49 29.92 -15.32 21.81
CA ARG H 49 30.97 -16.28 21.53
C ARG H 49 30.58 -17.15 20.34
N ALA H 50 29.32 -17.58 20.33
CA ALA H 50 28.82 -18.40 19.24
C ALA H 50 28.82 -17.60 17.92
N ARG H 51 28.44 -16.33 17.99
CA ARG H 51 28.42 -15.50 16.79
C ARG H 51 29.82 -15.39 16.18
N LEU H 52 30.79 -15.09 17.03
CA LEU H 52 32.16 -14.97 16.56
C LEU H 52 32.71 -16.30 16.01
N ALA H 53 32.35 -17.40 16.65
CA ALA H 53 32.79 -18.72 16.19
C ALA H 53 32.22 -18.98 14.80
N GLY H 54 30.99 -18.53 14.59
CA GLY H 54 30.33 -18.67 13.31
C GLY H 54 31.02 -17.89 12.21
N GLU H 55 31.47 -16.68 12.53
CA GLU H 55 32.15 -15.85 11.54
C GLU H 55 33.46 -16.49 11.14
N GLU H 56 34.12 -17.10 12.11
CA GLU H 56 35.38 -17.78 11.85
C GLU H 56 35.20 -19.06 11.01
N GLU H 57 34.14 -19.80 11.30
CA GLU H 57 33.82 -21.00 10.52
C GLU H 57 33.54 -20.64 9.07
N ALA H 58 32.79 -19.57 8.86
CA ALA H 58 32.47 -19.12 7.51
C ALA H 58 33.74 -18.70 6.79
N LEU H 59 34.64 -18.02 7.51
CA LEU H 59 35.92 -17.64 6.94
C LEU H 59 36.68 -18.86 6.47
N ARG H 60 36.84 -19.82 7.35
CA ARG H 60 37.62 -21.01 7.03
C ARG H 60 36.93 -21.89 5.99
N GLN H 61 35.60 -21.77 5.89
CA GLN H 61 34.82 -22.53 4.94
C GLN H 61 35.01 -22.04 3.51
N TYR H 62 34.70 -20.75 3.29
CA TYR H 62 34.70 -20.18 1.95
C TYR H 62 35.98 -19.39 1.65
C1 GLC I . -44.44 -19.13 -3.10
C2 GLC I . -45.02 -20.14 -4.10
C3 GLC I . -45.27 -21.49 -3.44
C4 GLC I . -43.98 -21.99 -2.88
C5 GLC I . -43.45 -20.99 -1.83
C6 GLC I . -42.16 -21.51 -1.20
O2 GLC I . -46.27 -19.65 -4.64
O3 GLC I . -45.75 -22.40 -4.43
O4 GLC I . -44.19 -23.29 -2.27
O5 GLC I . -43.24 -19.72 -2.51
O6 GLC I . -41.72 -20.58 -0.19
C1 GLC I . -44.88 -17.81 -1.22
C2 GLC I . -45.76 -17.58 -0.01
C3 GLC I . -47.18 -17.29 -0.46
C4 GLC I . -47.15 -16.06 -1.34
C5 GLC I . -46.25 -16.33 -2.55
C6 GLC I . -46.11 -15.09 -3.43
O1 GLC I . -45.36 -18.92 -2.01
O2 GLC I . -45.78 -18.75 0.81
O3 GLC I . -47.94 -16.99 0.73
O4 GLC I . -48.49 -15.77 -1.82
O5 GLC I . -44.92 -16.63 -2.08
O6 GLC I . -45.21 -15.37 -4.51
C1 GLC J . 26.24 -19.04 13.85
C2 GLC J . 25.74 -19.91 12.73
C3 GLC J . 25.43 -21.31 13.22
C4 GLC J . 26.68 -21.89 13.84
C5 GLC J . 27.12 -21.01 14.99
C6 GLC J . 28.37 -21.61 15.64
O2 GLC J . 24.55 -19.35 12.15
O3 GLC J . 25.01 -22.12 12.10
O4 GLC J . 26.37 -23.19 14.34
O5 GLC J . 27.38 -19.68 14.49
O6 GLC J . 28.74 -20.82 16.79
C1 GLC J . 25.61 -17.94 15.81
C2 GLC J . 24.60 -17.89 16.93
C3 GLC J . 23.21 -17.55 16.38
C4 GLC J . 23.27 -16.20 15.69
C5 GLC J . 24.30 -16.29 14.55
C6 GLC J . 24.49 -14.96 13.84
O1 GLC J . 25.23 -18.95 14.86
O2 GLC J . 24.56 -19.18 17.59
O3 GLC J . 22.31 -17.45 17.50
O4 GLC J . 21.97 -15.86 15.15
O5 GLC J . 25.58 -16.65 15.10
O6 GLC J . 25.47 -15.12 12.80
ZN ZN K . -24.01 8.21 -16.53
ZN ZN L . 47.60 9.37 3.04
ZN ZN M . -46.68 3.98 1.16
ZN ZN N . 23.83 3.74 19.97
#